data_6WTI
#
_entry.id   6WTI
#
_cell.length_a   1.00
_cell.length_b   1.00
_cell.length_c   1.00
_cell.angle_alpha   90.00
_cell.angle_beta   90.00
_cell.angle_gamma   90.00
#
_symmetry.space_group_name_H-M   'P 1'
#
loop_
_entity.id
_entity.type
_entity.pdbx_description
1 polymer 'Cytochrome o ubiquinol oxidase, subunit I'
2 polymer 'Ubiquinol oxidase subunit 2'
3 polymer 'Cytochrome o ubiquinol oxidase'
4 polymer 'Cytochrome o ubiquinol oxidase, subunit IV'
5 non-polymer 'PROTOPORPHYRIN IX CONTAINING FE'
6 non-polymer 'HEME O'
7 non-polymer 'COPPER (II) ION'
8 non-polymer Ubiquinone-8
9 non-polymer 1,2-Distearoyl-sn-glycerophosphoethanolamine
10 non-polymer pentadecyl(tetradecyl)peroxyanhydride
#
loop_
_entity_poly.entity_id
_entity_poly.type
_entity_poly.pdbx_seq_one_letter_code
_entity_poly.pdbx_strand_id
1 'polypeptide(L)'
;MFGKLSLDAVPFHEPIVMVTIAGIILGGLALVGLITYFGKWTYLWKEWLTSVDHKRLGIMYIIVAIVMLLRGFADAIMMR
SQQALASAGEAGFLPPHHYDQIFTAHGVIMIFFVAMPFVIGLMNLVVPLQIGARDVAFPFLNNLSFWFTVVGVILVNVSL
GVGEFAQTGWLAYPPLSGIEYSPGVGVDYWIWSLQLSGIGTTLTGINFFVTILKMRAPGMTMFKMPVFTWASLCANVLII
ASFPILTVTVALLTLDRYLGTHFFTNDMGGNMMMYINLIWAWGHPEVYILILPVFGVFSEIAATFSRKRLFGYTSLVWAT
VCITVLSFIVWLHHFFTMGAGANVNAFFGITTMIIAIPTGVKIFNWLFTMYQGRIVFHSAMLWTIGFIVTFSVGGMTGVL
LAVPGADFVLHNSLFLIAHFHNVIIGGVVFGCFAGMTYWWPKAFGFKLNETWGKRAFWFWIIGFFVAFMPLYALGFMGMT
RRLSQQIDPQFHTMLMIAASGAVLIALGILCLVIQMYVSIRDRDQNRDLTGDPWGGRTLEWATSSPPPFYNFAVVPHVHE
RDAFWEMKEKGEAYKKPDHYEEIHMPKNSGAGIVIAAFSTIFGFAMIWHIWWLAIVGFAGMIITWIVKSFDEDVDYYVPV
AEIEKLENQHFDEITKAGLKNGN
;
A
2 'polypeptide(L)'
;MRLRKYNKSLGWLSLFAGTVLLSGCNSALLDPKGQIGLEQRSLILTAFGLMLIVVIPAILMAVGFAWKYRASNKDAKYSP
NWSHSNKVEAVVWTVPILIIIFLAVLTWKTTHALEPSKPLAHDEKPITIEVVSMDWKWFFIYPEQGIATVNEIAFPANTP
VYFKVTSNSVMNSFFIPRLGSQIYAMAGMQTRLHLIANEPGTYDGISASYSGPGFSGMKFKAIATPDRAAFDQWVAKAKQ
SPNTMSDMAAFEKLAAPSEYNQVEYFSNVKPDLFADVINKFMAHGKSMDMTQPEGEHSAHEGMEGMDMSHAESAH
;
B
3 'polypeptide(L)'
;MATDTLTHATAHAHEHGHHDAGGTKIFGFWIYLMSDCILFSILFATYAVLVNGTAGGPTGKDIFELPFVLVETFLLLFSS
ITYGMAAIAMYKNNKSQVISWLALTWLFGAGFIGMEIYEFHHLIVNGMGPDRSGFLSAFFALVGTHGLHVTSGLIWMAVL
MVQIARRGLTSTNRTRIMCLSLFWHFLDVVWICVFTVVYLMGAM
;
C
4 'polypeptide(L)'
;MSHSTDHSGASHGSVKTYMTGFILSIILTVIPFWMVMTGAASPAVILGTILAMAVVQVLVHLVCFLHMNTKSDEGWNMTA
FVFTVLIIAILVVGSIWIMWNLNYNMMMH
;
D
#
# COMPACT_ATOMS: atom_id res chain seq x y z
N MET A 1 5.56 1.07 34.20
CA MET A 1 5.14 1.48 35.56
C MET A 1 4.24 2.71 35.51
N PHE A 2 4.02 3.25 34.31
CA PHE A 2 3.31 4.51 34.18
C PHE A 2 2.55 4.54 32.85
N GLY A 3 1.70 5.55 32.72
CA GLY A 3 0.92 5.77 31.52
C GLY A 3 -0.51 5.34 31.69
N LYS A 4 -1.21 5.31 30.55
CA LYS A 4 -2.54 4.73 30.52
C LYS A 4 -2.53 3.26 30.92
N LEU A 5 -1.37 2.62 30.89
CA LEU A 5 -1.28 1.18 31.10
C LEU A 5 -1.62 0.82 32.54
N SER A 6 -2.47 -0.19 32.70
CA SER A 6 -2.99 -0.62 33.99
C SER A 6 -3.06 -2.14 34.03
N LEU A 7 -3.30 -2.70 35.21
CA LEU A 7 -3.67 -4.12 35.27
C LEU A 7 -4.97 -4.37 34.53
N ASP A 8 -5.78 -3.35 34.34
CA ASP A 8 -7.03 -3.46 33.60
C ASP A 8 -6.85 -3.22 32.12
N ALA A 9 -5.74 -3.71 31.55
CA ALA A 9 -5.53 -3.70 30.10
C ALA A 9 -5.49 -5.10 29.52
N VAL A 10 -5.58 -6.15 30.28
CA VAL A 10 -5.49 -7.47 29.73
C VAL A 10 -6.86 -8.10 29.90
N PRO A 11 -7.36 -8.83 28.90
CA PRO A 11 -8.69 -9.43 29.10
C PRO A 11 -8.77 -10.55 30.15
N PHE A 12 -8.68 -10.22 31.45
CA PHE A 12 -8.73 -11.21 32.51
C PHE A 12 -10.04 -11.96 32.50
N HIS A 13 -11.10 -11.25 32.14
CA HIS A 13 -12.41 -11.82 32.03
C HIS A 13 -12.59 -12.78 30.84
N GLU A 14 -11.95 -12.52 29.68
CA GLU A 14 -12.15 -13.28 28.43
C GLU A 14 -11.70 -14.75 28.34
N PRO A 15 -12.72 -15.68 28.24
CA PRO A 15 -12.24 -17.06 28.16
C PRO A 15 -11.38 -17.32 26.92
N ILE A 16 -11.74 -16.75 25.78
CA ILE A 16 -11.01 -16.99 24.52
C ILE A 16 -9.63 -16.34 24.33
N VAL A 17 -9.53 -15.05 24.57
CA VAL A 17 -8.26 -14.33 24.46
C VAL A 17 -7.27 -14.86 25.51
N MET A 18 -7.76 -15.13 26.73
CA MET A 18 -6.83 -15.45 27.80
C MET A 18 -6.27 -16.86 27.65
N VAL A 19 -7.08 -17.81 27.19
CA VAL A 19 -6.52 -19.13 26.90
C VAL A 19 -5.52 -19.04 25.77
N THR A 20 -5.80 -18.20 24.76
CA THR A 20 -4.85 -18.02 23.68
C THR A 20 -3.53 -17.44 24.20
N ILE A 21 -3.60 -16.48 25.10
CA ILE A 21 -2.40 -15.87 25.64
C ILE A 21 -1.62 -16.88 26.47
N ALA A 22 -2.31 -17.63 27.32
CA ALA A 22 -1.65 -18.65 28.11
C ALA A 22 -0.98 -19.67 27.21
N GLY A 23 -1.66 -20.11 26.16
CA GLY A 23 -1.08 -21.09 25.26
C GLY A 23 0.11 -20.55 24.50
N ILE A 24 0.05 -19.28 24.08
CA ILE A 24 1.16 -18.71 23.34
C ILE A 24 2.37 -18.53 24.23
N ILE A 25 2.17 -18.10 25.48
CA ILE A 25 3.34 -17.92 26.34
C ILE A 25 3.88 -19.28 26.76
N LEU A 26 3.02 -20.29 26.87
CA LEU A 26 3.52 -21.64 27.11
C LEU A 26 4.33 -22.14 25.92
N GLY A 27 3.87 -21.89 24.69
CA GLY A 27 4.63 -22.28 23.52
C GLY A 27 5.94 -21.53 23.38
N GLY A 28 5.96 -20.27 23.82
CA GLY A 28 7.23 -19.56 23.90
C GLY A 28 8.18 -20.22 24.87
N LEU A 29 7.72 -20.47 26.09
CA LEU A 29 8.48 -21.28 27.03
C LEU A 29 8.97 -22.56 26.38
N ALA A 30 8.13 -23.17 25.55
CA ALA A 30 8.47 -24.44 24.92
C ALA A 30 9.66 -24.29 23.99
N LEU A 31 9.57 -23.38 23.03
CA LEU A 31 10.68 -23.22 22.09
C LEU A 31 11.95 -22.75 22.79
N VAL A 32 11.81 -21.95 23.83
CA VAL A 32 12.99 -21.51 24.58
C VAL A 32 13.65 -22.71 25.25
N GLY A 33 12.87 -23.54 25.94
CA GLY A 33 13.43 -24.70 26.59
C GLY A 33 14.05 -25.67 25.60
N LEU A 34 13.41 -25.84 24.45
CA LEU A 34 13.96 -26.71 23.42
C LEU A 34 15.32 -26.20 22.94
N ILE A 35 15.39 -24.93 22.57
CA ILE A 35 16.63 -24.38 22.03
C ILE A 35 17.74 -24.43 23.06
N THR A 36 17.44 -24.13 24.33
CA THR A 36 18.48 -24.19 25.36
C THR A 36 18.76 -25.61 25.82
N TYR A 37 17.89 -26.56 25.52
CA TYR A 37 18.23 -27.96 25.71
C TYR A 37 19.28 -28.37 24.72
N PHE A 38 18.97 -28.25 23.42
CA PHE A 38 19.94 -28.57 22.39
C PHE A 38 21.24 -27.80 22.61
N GLY A 39 21.14 -26.50 22.84
CA GLY A 39 22.31 -25.65 22.82
C GLY A 39 22.56 -25.11 21.43
N LYS A 40 21.54 -24.49 20.84
CA LYS A 40 21.65 -23.85 19.54
C LYS A 40 21.56 -22.33 19.64
N TRP A 41 21.91 -21.77 20.79
CA TRP A 41 21.76 -20.33 20.98
C TRP A 41 22.81 -19.57 20.17
N THR A 42 24.07 -19.68 20.60
CA THR A 42 25.18 -19.12 19.84
C THR A 42 25.06 -19.37 18.35
N TYR A 43 24.63 -20.57 17.96
CA TYR A 43 24.49 -20.87 16.54
C TYR A 43 23.49 -19.93 15.89
N LEU A 44 22.30 -19.81 16.48
CA LEU A 44 21.30 -18.87 15.99
C LEU A 44 21.86 -17.47 15.90
N TRP A 45 22.48 -17.00 16.98
CA TRP A 45 23.00 -15.64 17.01
C TRP A 45 23.99 -15.39 15.87
N LYS A 46 24.99 -16.25 15.74
CA LYS A 46 26.07 -16.03 14.79
C LYS A 46 25.75 -16.52 13.39
N GLU A 47 24.56 -17.04 13.12
CA GLU A 47 24.29 -17.55 11.78
C GLU A 47 23.02 -16.99 11.15
N TRP A 48 22.01 -16.70 11.96
CA TRP A 48 20.71 -16.30 11.42
C TRP A 48 20.24 -14.94 11.91
N LEU A 49 20.43 -14.63 13.18
CA LEU A 49 19.91 -13.38 13.70
C LEU A 49 20.72 -12.19 13.23
N THR A 50 22.04 -12.37 13.10
CA THR A 50 22.95 -11.31 12.69
C THR A 50 23.38 -11.45 11.24
N SER A 51 22.76 -12.34 10.48
CA SER A 51 23.25 -12.64 9.14
C SER A 51 22.98 -11.49 8.18
N VAL A 52 23.94 -11.25 7.29
CA VAL A 52 23.79 -10.34 6.17
C VAL A 52 23.73 -11.10 4.86
N ASP A 53 23.29 -12.36 4.90
CA ASP A 53 23.15 -13.19 3.72
C ASP A 53 21.70 -13.09 3.23
N HIS A 54 21.53 -12.69 1.98
CA HIS A 54 20.19 -12.59 1.43
C HIS A 54 19.45 -13.91 1.50
N LYS A 55 20.17 -15.02 1.40
CA LYS A 55 19.54 -16.33 1.51
C LYS A 55 18.93 -16.54 2.89
N ARG A 56 19.73 -16.36 3.94
CA ARG A 56 19.25 -16.51 5.30
C ARG A 56 18.09 -15.55 5.59
N LEU A 57 18.24 -14.29 5.20
CA LEU A 57 17.21 -13.30 5.50
C LEU A 57 15.92 -13.61 4.76
N GLY A 58 16.02 -14.07 3.51
CA GLY A 58 14.82 -14.49 2.82
C GLY A 58 14.13 -15.65 3.49
N ILE A 59 14.92 -16.60 4.00
CA ILE A 59 14.34 -17.74 4.71
C ILE A 59 13.56 -17.25 5.92
N MET A 60 14.16 -16.34 6.71
CA MET A 60 13.47 -15.85 7.91
C MET A 60 12.25 -15.00 7.56
N TYR A 61 12.32 -14.24 6.48
CA TYR A 61 11.14 -13.55 5.97
C TYR A 61 10.00 -14.54 5.74
N ILE A 62 10.29 -15.61 5.01
CA ILE A 62 9.24 -16.58 4.70
C ILE A 62 8.78 -17.28 5.96
N ILE A 63 9.65 -17.46 6.94
CA ILE A 63 9.23 -18.09 8.18
C ILE A 63 8.20 -17.23 8.89
N VAL A 64 8.51 -15.94 9.03
CA VAL A 64 7.55 -15.03 9.64
C VAL A 64 6.22 -15.08 8.89
N ALA A 65 6.28 -15.08 7.56
CA ALA A 65 5.06 -15.13 6.78
C ALA A 65 4.24 -16.37 7.10
N ILE A 66 4.90 -17.54 7.07
CA ILE A 66 4.18 -18.80 7.28
C ILE A 66 3.58 -18.85 8.68
N VAL A 67 4.29 -18.34 9.68
CA VAL A 67 3.80 -18.51 11.04
C VAL A 67 2.78 -17.45 11.42
N MET A 68 2.66 -16.36 10.65
CA MET A 68 1.54 -15.45 10.87
C MET A 68 0.34 -15.79 10.00
N LEU A 69 0.55 -16.55 8.94
CA LEU A 69 -0.59 -17.09 8.20
C LEU A 69 -1.52 -17.83 9.13
N LEU A 70 -0.98 -18.39 10.22
CA LEU A 70 -1.80 -19.15 11.16
C LEU A 70 -2.78 -18.24 11.90
N ARG A 71 -2.29 -17.12 12.44
CA ARG A 71 -3.19 -16.15 13.06
C ARG A 71 -4.21 -15.63 12.06
N GLY A 72 -3.76 -15.31 10.85
CA GLY A 72 -4.70 -14.83 9.84
C GLY A 72 -5.84 -15.81 9.62
N PHE A 73 -5.52 -17.09 9.43
CA PHE A 73 -6.55 -18.07 9.13
C PHE A 73 -7.39 -18.40 10.35
N ALA A 74 -6.80 -18.34 11.54
CA ALA A 74 -7.60 -18.46 12.75
C ALA A 74 -8.70 -17.43 12.78
N ASP A 75 -8.35 -16.17 12.53
CA ASP A 75 -9.34 -15.10 12.51
C ASP A 75 -10.37 -15.32 11.42
N ALA A 76 -9.94 -15.74 10.22
CA ALA A 76 -10.91 -15.98 9.16
C ALA A 76 -11.91 -17.06 9.55
N ILE A 77 -11.45 -18.16 10.13
CA ILE A 77 -12.34 -19.24 10.52
C ILE A 77 -13.32 -18.76 11.57
N MET A 78 -12.84 -18.01 12.56
CA MET A 78 -13.73 -17.49 13.59
C MET A 78 -14.81 -16.59 12.98
N MET A 79 -14.42 -15.74 12.04
CA MET A 79 -15.36 -14.83 11.42
C MET A 79 -16.45 -15.61 10.69
N ARG A 80 -16.04 -16.60 9.91
CA ARG A 80 -17.01 -17.42 9.19
C ARG A 80 -17.97 -18.11 10.15
N SER A 81 -17.45 -18.60 11.28
CA SER A 81 -18.30 -19.26 12.25
C SER A 81 -19.33 -18.30 12.80
N GLN A 82 -18.88 -17.12 13.24
CA GLN A 82 -19.80 -16.12 13.77
C GLN A 82 -20.88 -15.80 12.77
N GLN A 83 -20.54 -15.68 11.49
CA GLN A 83 -21.55 -15.30 10.51
C GLN A 83 -22.55 -16.42 10.28
N ALA A 84 -22.06 -17.63 10.02
CA ALA A 84 -22.97 -18.75 9.81
C ALA A 84 -23.89 -18.93 11.00
N LEU A 85 -23.46 -18.52 12.19
CA LEU A 85 -24.34 -18.64 13.36
C LEU A 85 -25.35 -17.49 13.44
N ALA A 86 -24.89 -16.24 13.27
CA ALA A 86 -25.80 -15.11 13.35
C ALA A 86 -26.87 -15.19 12.27
N SER A 87 -26.55 -15.83 11.14
CA SER A 87 -27.55 -16.07 10.12
C SER A 87 -28.67 -16.98 10.62
N ALA A 88 -28.39 -17.84 11.59
CA ALA A 88 -29.34 -18.84 12.04
C ALA A 88 -30.18 -18.39 13.22
N GLY A 89 -30.14 -17.10 13.55
CA GLY A 89 -30.92 -16.58 14.66
C GLY A 89 -30.29 -16.84 16.01
N GLU A 90 -28.97 -16.85 16.08
CA GLU A 90 -28.28 -17.19 17.31
C GLU A 90 -27.40 -16.02 17.74
N ALA A 91 -27.23 -15.89 19.05
CA ALA A 91 -26.37 -14.83 19.56
C ALA A 91 -24.94 -14.99 19.07
N GLY A 92 -24.46 -16.23 18.98
CA GLY A 92 -23.08 -16.45 18.63
C GLY A 92 -22.18 -16.29 19.84
N PHE A 93 -20.91 -16.00 19.56
CA PHE A 93 -19.90 -15.90 20.59
C PHE A 93 -19.02 -14.68 20.45
N LEU A 94 -19.12 -13.93 19.36
CA LEU A 94 -18.23 -12.80 19.12
C LEU A 94 -19.03 -11.51 19.11
N PRO A 95 -19.04 -10.74 20.20
CA PRO A 95 -19.69 -9.44 20.16
C PRO A 95 -19.02 -8.54 19.14
N PRO A 96 -19.61 -7.39 18.83
CA PRO A 96 -18.97 -6.50 17.85
C PRO A 96 -17.63 -6.00 18.32
N HIS A 97 -17.52 -5.66 19.60
CA HIS A 97 -16.28 -5.22 20.21
C HIS A 97 -15.11 -6.07 19.74
N HIS A 98 -15.30 -7.39 19.78
CA HIS A 98 -14.29 -8.36 19.40
C HIS A 98 -14.26 -8.60 17.90
N TYR A 99 -15.45 -8.81 17.33
CA TYR A 99 -15.55 -9.12 15.91
C TYR A 99 -14.87 -8.09 15.09
N ASP A 100 -15.00 -6.83 15.48
CA ASP A 100 -14.43 -5.83 14.64
C ASP A 100 -12.94 -5.76 14.72
N GLN A 101 -12.42 -5.81 15.92
CA GLN A 101 -11.01 -6.10 16.16
C GLN A 101 -10.51 -7.20 15.24
N ILE A 102 -11.26 -8.30 15.18
CA ILE A 102 -10.79 -9.48 14.47
C ILE A 102 -10.61 -9.16 12.99
N PHE A 103 -11.62 -8.56 12.36
CA PHE A 103 -11.50 -8.28 10.93
C PHE A 103 -10.44 -7.24 10.60
N THR A 104 -10.29 -6.25 11.45
CA THR A 104 -9.23 -5.27 11.27
C THR A 104 -7.87 -5.96 11.32
N ALA A 105 -7.59 -6.67 12.42
CA ALA A 105 -6.34 -7.37 12.57
C ALA A 105 -6.08 -8.33 11.42
N HIS A 106 -7.10 -9.05 11.00
CA HIS A 106 -6.90 -10.08 9.99
C HIS A 106 -6.50 -9.46 8.67
N GLY A 107 -7.27 -8.47 8.20
CA GLY A 107 -6.87 -7.78 6.99
C GLY A 107 -5.44 -7.27 7.08
N VAL A 108 -5.12 -6.63 8.21
CA VAL A 108 -3.81 -6.00 8.34
C VAL A 108 -2.71 -7.05 8.26
N ILE A 109 -2.84 -8.11 9.04
CA ILE A 109 -1.83 -9.16 9.06
C ILE A 109 -1.65 -9.74 7.66
N MET A 110 -2.75 -10.19 7.06
CA MET A 110 -2.63 -10.91 5.80
C MET A 110 -2.11 -10.02 4.68
N ILE A 111 -2.25 -8.69 4.80
CA ILE A 111 -1.75 -7.81 3.75
C ILE A 111 -0.31 -7.39 4.02
N PHE A 112 0.04 -7.21 5.29
CA PHE A 112 1.31 -6.58 5.61
C PHE A 112 2.35 -7.59 6.08
N PHE A 113 1.92 -8.70 6.66
CA PHE A 113 2.86 -9.60 7.35
C PHE A 113 2.89 -10.98 6.72
N VAL A 114 1.78 -11.40 6.11
CA VAL A 114 1.80 -12.65 5.36
C VAL A 114 2.18 -12.39 3.91
N ALA A 115 1.45 -11.50 3.25
CA ALA A 115 1.65 -11.32 1.81
C ALA A 115 2.96 -10.60 1.53
N MET A 116 3.28 -9.56 2.29
CA MET A 116 4.42 -8.71 1.98
C MET A 116 5.73 -9.45 2.19
N PRO A 117 5.98 -9.99 3.39
CA PRO A 117 7.27 -10.68 3.62
C PRO A 117 7.46 -11.92 2.76
N PHE A 118 6.42 -12.67 2.44
CA PHE A 118 6.59 -13.83 1.58
C PHE A 118 7.25 -13.42 0.26
N VAL A 119 6.67 -12.43 -0.42
CA VAL A 119 7.23 -11.96 -1.67
C VAL A 119 8.61 -11.34 -1.47
N ILE A 120 8.75 -10.51 -0.43
CA ILE A 120 10.02 -9.82 -0.26
C ILE A 120 11.14 -10.81 0.03
N GLY A 121 10.83 -11.91 0.73
CA GLY A 121 11.80 -12.92 1.05
C GLY A 121 12.15 -13.80 -0.12
N LEU A 122 11.16 -14.17 -0.94
CA LEU A 122 11.51 -14.91 -2.15
C LEU A 122 12.41 -14.07 -3.04
N MET A 123 12.09 -12.79 -3.18
CA MET A 123 12.99 -11.87 -3.86
C MET A 123 14.38 -11.94 -3.26
N ASN A 124 14.49 -11.68 -1.96
CA ASN A 124 15.79 -11.71 -1.28
C ASN A 124 16.55 -12.98 -1.61
N LEU A 125 15.85 -14.11 -1.70
CA LEU A 125 16.52 -15.37 -1.95
C LEU A 125 17.07 -15.42 -3.37
N VAL A 126 16.24 -15.14 -4.37
CA VAL A 126 16.55 -15.59 -5.71
C VAL A 126 17.05 -14.48 -6.64
N VAL A 127 16.93 -13.21 -6.28
CA VAL A 127 17.28 -12.16 -7.24
C VAL A 127 18.79 -12.02 -7.41
N PRO A 128 19.57 -11.96 -6.32
CA PRO A 128 21.03 -11.91 -6.50
C PRO A 128 21.61 -13.14 -7.15
N LEU A 129 21.08 -14.32 -6.84
CA LEU A 129 21.56 -15.52 -7.49
C LEU A 129 21.18 -15.57 -8.96
N GLN A 130 20.15 -14.82 -9.35
CA GLN A 130 19.72 -14.80 -10.74
C GLN A 130 20.52 -13.79 -11.56
N ILE A 131 20.87 -12.65 -10.98
CA ILE A 131 21.61 -11.67 -11.78
C ILE A 131 23.11 -11.95 -11.78
N GLY A 132 23.57 -12.90 -10.97
CA GLY A 132 24.97 -13.27 -10.97
C GLY A 132 25.79 -12.38 -10.07
N ALA A 133 25.29 -12.16 -8.85
CA ALA A 133 25.92 -11.30 -7.89
C ALA A 133 26.21 -12.08 -6.62
N ARG A 134 27.14 -11.57 -5.82
CA ARG A 134 27.52 -12.23 -4.59
C ARG A 134 26.67 -11.89 -3.40
N ASP A 135 26.03 -10.72 -3.44
CA ASP A 135 25.19 -10.26 -2.33
C ASP A 135 24.35 -9.11 -2.88
N VAL A 136 23.60 -8.45 -2.01
CA VAL A 136 22.83 -7.29 -2.40
C VAL A 136 23.68 -6.05 -2.23
N ALA A 137 23.24 -4.95 -2.86
CA ALA A 137 23.96 -3.69 -2.76
C ALA A 137 24.14 -3.23 -1.32
N PHE A 138 23.21 -3.58 -0.43
CA PHE A 138 23.25 -3.10 0.95
C PHE A 138 22.88 -4.23 1.90
N PRO A 139 23.87 -4.91 2.48
CA PRO A 139 23.57 -6.02 3.40
C PRO A 139 22.96 -5.59 4.74
N PHE A 140 23.67 -4.73 5.47
CA PHE A 140 23.17 -4.28 6.77
C PHE A 140 21.76 -3.69 6.65
N LEU A 141 21.46 -3.04 5.53
CA LEU A 141 20.11 -2.53 5.31
C LEU A 141 19.11 -3.67 5.22
N ASN A 142 19.52 -4.79 4.63
CA ASN A 142 18.65 -5.96 4.57
C ASN A 142 18.35 -6.47 5.96
N ASN A 143 19.39 -6.63 6.77
CA ASN A 143 19.18 -7.00 8.17
C ASN A 143 18.17 -6.07 8.84
N LEU A 144 18.39 -4.77 8.72
CA LEU A 144 17.56 -3.81 9.43
C LEU A 144 16.11 -3.83 8.92
N SER A 145 15.91 -4.02 7.60
CA SER A 145 14.55 -4.08 7.08
C SER A 145 13.81 -5.29 7.64
N PHE A 146 14.46 -6.45 7.63
CA PHE A 146 13.85 -7.63 8.24
C PHE A 146 13.44 -7.34 9.68
N TRP A 147 14.33 -6.71 10.46
CA TRP A 147 14.00 -6.53 11.86
C TRP A 147 12.96 -5.44 12.10
N PHE A 148 12.81 -4.48 11.18
CA PHE A 148 11.68 -3.57 11.29
C PHE A 148 10.38 -4.31 11.03
N THR A 149 10.37 -5.23 10.07
CA THR A 149 9.20 -6.07 9.88
C THR A 149 8.89 -6.85 11.17
N VAL A 150 9.93 -7.34 11.84
CA VAL A 150 9.71 -8.10 13.07
C VAL A 150 9.18 -7.20 14.17
N VAL A 151 9.63 -5.95 14.24
CA VAL A 151 9.10 -5.04 15.25
C VAL A 151 7.62 -4.82 15.02
N GLY A 152 7.23 -4.60 13.76
CA GLY A 152 5.82 -4.43 13.45
C GLY A 152 4.99 -5.64 13.88
N VAL A 153 5.50 -6.84 13.60
CA VAL A 153 4.77 -8.05 13.97
C VAL A 153 4.67 -8.17 15.49
N ILE A 154 5.75 -7.90 16.20
CA ILE A 154 5.73 -8.00 17.65
C ILE A 154 4.69 -7.05 18.22
N LEU A 155 4.56 -5.88 17.63
CA LEU A 155 3.56 -4.93 18.12
C LEU A 155 2.14 -5.43 17.85
N VAL A 156 1.88 -5.84 16.60
CA VAL A 156 0.53 -6.25 16.24
C VAL A 156 0.11 -7.50 16.99
N ASN A 157 1.06 -8.22 17.58
CA ASN A 157 0.71 -9.39 18.38
C ASN A 157 0.69 -9.10 19.88
N VAL A 158 1.42 -8.09 20.34
CA VAL A 158 1.27 -7.70 21.74
C VAL A 158 -0.11 -7.10 21.98
N SER A 159 -0.60 -6.32 21.00
CA SER A 159 -1.93 -5.73 21.15
C SER A 159 -2.97 -6.76 21.57
N LEU A 160 -2.75 -8.03 21.23
CA LEU A 160 -3.75 -9.07 21.47
C LEU A 160 -3.94 -9.34 22.95
N GLY A 161 -2.85 -9.34 23.72
CA GLY A 161 -2.93 -9.69 25.12
C GLY A 161 -3.03 -8.52 26.07
N VAL A 162 -2.49 -7.37 25.69
CA VAL A 162 -2.54 -6.16 26.51
C VAL A 162 -3.19 -5.06 25.65
N GLY A 163 -4.37 -4.62 26.05
CA GLY A 163 -5.13 -3.67 25.27
C GLY A 163 -5.92 -4.34 24.17
N GLU A 164 -6.32 -3.55 23.18
CA GLU A 164 -7.06 -4.06 22.04
C GLU A 164 -6.47 -3.49 20.76
N PHE A 165 -6.93 -4.00 19.63
CA PHE A 165 -6.50 -3.54 18.32
C PHE A 165 -7.62 -2.76 17.64
N ALA A 166 -7.25 -2.00 16.63
CA ALA A 166 -8.16 -1.06 16.00
C ALA A 166 -9.44 -1.73 15.54
N GLN A 167 -10.57 -1.11 15.88
CA GLN A 167 -11.89 -1.55 15.44
C GLN A 167 -12.40 -0.74 14.28
N THR A 168 -11.50 -0.30 13.39
CA THR A 168 -11.81 0.65 12.33
C THR A 168 -11.69 0.07 10.93
N GLY A 169 -11.35 -1.19 10.78
CA GLY A 169 -10.97 -1.71 9.48
C GLY A 169 -9.50 -1.46 9.19
N TRP A 170 -9.00 -2.16 8.18
CA TRP A 170 -7.55 -2.24 8.04
C TRP A 170 -6.92 -0.94 7.59
N LEU A 171 -7.71 -0.03 7.02
CA LEU A 171 -7.17 1.23 6.56
C LEU A 171 -7.47 2.39 7.46
N ALA A 172 -8.09 2.12 8.61
CA ALA A 172 -8.34 3.13 9.60
C ALA A 172 -8.97 4.42 9.11
N TYR A 173 -10.18 4.37 8.52
CA TYR A 173 -10.87 5.60 8.05
C TYR A 173 -10.85 6.73 9.10
N PRO A 174 -10.75 8.01 8.63
CA PRO A 174 -10.33 9.03 9.60
C PRO A 174 -11.35 9.23 10.70
N PRO A 175 -12.60 9.60 10.39
CA PRO A 175 -13.47 10.06 11.47
C PRO A 175 -13.63 9.00 12.54
N LEU A 176 -13.93 7.76 12.13
CA LEU A 176 -14.09 6.68 13.08
C LEU A 176 -12.83 6.47 13.91
N SER A 177 -11.67 6.68 13.31
CA SER A 177 -10.37 6.46 13.96
C SER A 177 -9.79 7.64 14.68
N GLY A 178 -10.53 8.72 14.79
CA GLY A 178 -10.08 9.89 15.50
C GLY A 178 -10.16 9.73 17.00
N ILE A 179 -9.58 10.68 17.71
CA ILE A 179 -9.59 10.62 19.16
C ILE A 179 -10.98 10.77 19.81
N GLU A 180 -11.94 11.36 19.11
CA GLU A 180 -13.27 11.54 19.67
C GLU A 180 -14.05 10.24 19.67
N TYR A 181 -14.10 9.57 18.53
CA TYR A 181 -14.92 8.39 18.32
C TYR A 181 -14.32 7.09 18.74
N SER A 182 -13.00 7.01 18.68
CA SER A 182 -12.30 5.82 19.14
C SER A 182 -11.27 6.29 20.16
N PRO A 183 -11.68 6.59 21.40
CA PRO A 183 -10.68 7.05 22.38
C PRO A 183 -9.63 6.04 22.78
N GLY A 184 -9.94 4.75 22.67
CA GLY A 184 -9.04 3.69 23.06
C GLY A 184 -7.80 3.56 22.22
N VAL A 185 -6.84 2.83 22.77
CA VAL A 185 -5.54 2.62 22.15
C VAL A 185 -5.40 1.77 20.87
N GLY A 186 -6.44 1.03 20.39
CA GLY A 186 -6.40 0.13 19.26
C GLY A 186 -5.91 0.76 17.98
N VAL A 187 -6.29 2.01 17.73
CA VAL A 187 -5.78 2.71 16.55
C VAL A 187 -4.30 3.01 16.72
N ASP A 188 -3.87 3.30 17.94
CA ASP A 188 -2.48 3.67 18.17
C ASP A 188 -1.55 2.51 17.85
N TYR A 189 -1.87 1.33 18.36
CA TYR A 189 -1.21 0.11 17.91
C TYR A 189 -1.13 0.07 16.40
N TRP A 190 -2.24 0.30 15.72
CA TRP A 190 -2.23 0.23 14.27
C TRP A 190 -1.27 1.25 13.69
N ILE A 191 -1.23 2.42 14.32
CA ILE A 191 -0.38 3.51 13.87
C ILE A 191 1.12 3.25 13.93
N TRP A 192 1.63 2.72 15.04
CA TRP A 192 3.07 2.51 15.12
C TRP A 192 3.47 1.16 14.63
N SER A 193 2.54 0.25 14.59
CA SER A 193 2.82 -1.06 14.00
C SER A 193 3.24 -0.93 12.55
N LEU A 194 2.50 -0.14 11.76
CA LEU A 194 2.85 -0.02 10.36
C LEU A 194 3.96 0.99 10.14
N GLN A 195 3.90 2.15 10.78
CA GLN A 195 4.89 3.19 10.53
C GLN A 195 6.28 2.62 10.67
N LEU A 196 6.60 2.09 11.86
CA LEU A 196 7.89 1.44 12.04
C LEU A 196 8.14 0.44 10.93
N SER A 197 7.21 -0.48 10.73
CA SER A 197 7.40 -1.49 9.69
C SER A 197 7.63 -0.84 8.33
N GLY A 198 6.88 0.22 8.04
CA GLY A 198 7.07 0.91 6.78
C GLY A 198 8.48 1.43 6.63
N ILE A 199 9.04 2.01 7.69
CA ILE A 199 10.39 2.54 7.61
C ILE A 199 11.35 1.47 7.11
N GLY A 200 11.01 0.21 7.34
CA GLY A 200 11.84 -0.86 6.84
C GLY A 200 11.56 -1.15 5.39
N THR A 201 10.28 -1.34 5.07
CA THR A 201 9.94 -1.76 3.71
C THR A 201 10.55 -0.82 2.69
N THR A 202 10.34 0.48 2.86
CA THR A 202 10.92 1.46 1.94
C THR A 202 12.39 1.16 1.69
N LEU A 203 13.18 1.04 2.75
CA LEU A 203 14.59 0.74 2.59
C LEU A 203 14.78 -0.47 1.67
N THR A 204 14.11 -1.56 1.97
CA THR A 204 14.19 -2.77 1.15
C THR A 204 13.93 -2.52 -0.34
N GLY A 205 12.95 -1.69 -0.66
CA GLY A 205 12.64 -1.34 -2.03
C GLY A 205 13.78 -0.58 -2.66
N ILE A 206 14.36 0.34 -1.90
CA ILE A 206 15.49 1.13 -2.37
C ILE A 206 16.66 0.21 -2.60
N ASN A 207 16.84 -0.68 -1.65
CA ASN A 207 17.91 -1.65 -1.63
C ASN A 207 18.07 -2.52 -2.87
N PHE A 208 16.96 -3.02 -3.36
CA PHE A 208 16.94 -3.89 -4.53
C PHE A 208 17.04 -3.11 -5.82
N PHE A 209 16.34 -1.97 -5.90
CA PHE A 209 16.37 -1.20 -7.13
C PHE A 209 17.81 -0.89 -7.52
N VAL A 210 18.67 -0.66 -6.53
CA VAL A 210 20.08 -0.45 -6.81
C VAL A 210 20.71 -1.72 -7.35
N THR A 211 20.60 -2.81 -6.60
CA THR A 211 21.19 -4.08 -6.99
C THR A 211 20.94 -4.39 -8.45
N ILE A 212 19.67 -4.57 -8.81
CA ILE A 212 19.30 -5.07 -10.12
C ILE A 212 19.89 -4.23 -11.25
N LEU A 213 20.36 -3.02 -10.93
CA LEU A 213 21.02 -2.20 -11.94
C LEU A 213 22.54 -2.21 -11.80
N LYS A 214 23.05 -2.05 -10.58
CA LYS A 214 24.48 -1.85 -10.38
C LYS A 214 25.26 -3.14 -10.18
N MET A 215 24.69 -4.13 -9.48
CA MET A 215 25.43 -5.30 -9.04
C MET A 215 25.25 -6.50 -9.95
N ARG A 216 24.92 -6.28 -11.22
CA ARG A 216 24.73 -7.38 -12.14
C ARG A 216 26.07 -8.00 -12.51
N ALA A 217 26.02 -9.04 -13.32
CA ALA A 217 27.23 -9.68 -13.82
C ALA A 217 27.55 -9.18 -15.22
N PRO A 218 28.82 -9.16 -15.62
CA PRO A 218 29.18 -8.52 -16.89
C PRO A 218 28.70 -9.34 -18.07
N GLY A 219 28.01 -8.66 -18.98
CA GLY A 219 27.49 -9.27 -20.19
C GLY A 219 25.99 -9.40 -20.21
N MET A 220 25.32 -9.18 -19.09
CA MET A 220 23.87 -9.27 -19.04
C MET A 220 23.28 -7.89 -19.22
N THR A 221 23.04 -7.50 -20.47
CA THR A 221 22.26 -6.31 -20.72
C THR A 221 20.89 -6.47 -20.06
N MET A 222 20.19 -5.35 -19.89
CA MET A 222 18.93 -5.40 -19.15
C MET A 222 17.90 -6.26 -19.86
N PHE A 223 18.01 -6.39 -21.17
CA PHE A 223 17.13 -7.26 -21.93
C PHE A 223 17.64 -8.69 -22.01
N LYS A 224 18.46 -9.11 -21.05
CA LYS A 224 18.85 -10.50 -20.90
C LYS A 224 18.51 -11.04 -19.52
N MET A 225 18.15 -10.18 -18.58
CA MET A 225 17.82 -10.65 -17.25
C MET A 225 16.65 -11.62 -17.30
N PRO A 226 16.53 -12.51 -16.31
CA PRO A 226 15.34 -13.35 -16.22
C PRO A 226 14.13 -12.54 -15.81
N VAL A 227 12.97 -12.93 -16.31
CA VAL A 227 11.76 -12.19 -16.09
C VAL A 227 11.44 -11.90 -14.65
N PHE A 228 11.86 -12.76 -13.73
CA PHE A 228 11.62 -12.50 -12.34
C PHE A 228 12.33 -11.21 -11.96
N THR A 229 13.57 -11.01 -12.37
CA THR A 229 14.27 -9.77 -12.03
C THR A 229 13.55 -8.58 -12.60
N TRP A 230 13.13 -8.65 -13.87
CA TRP A 230 12.35 -7.56 -14.44
C TRP A 230 11.17 -7.22 -13.54
N ALA A 231 10.39 -8.23 -13.16
CA ALA A 231 9.20 -8.00 -12.36
C ALA A 231 9.55 -7.49 -10.97
N SER A 232 10.61 -8.06 -10.42
CA SER A 232 11.10 -7.67 -9.12
C SER A 232 11.53 -6.23 -9.22
N LEU A 233 12.19 -5.88 -10.31
CA LEU A 233 12.67 -4.52 -10.50
C LEU A 233 11.49 -3.55 -10.55
N CYS A 234 10.45 -3.95 -11.26
CA CYS A 234 9.25 -3.13 -11.38
C CYS A 234 8.62 -2.95 -10.01
N ALA A 235 8.58 -4.04 -9.25
CA ALA A 235 8.01 -4.01 -7.91
C ALA A 235 8.80 -3.09 -6.99
N ASN A 236 10.11 -3.07 -7.11
CA ASN A 236 10.92 -2.21 -6.23
C ASN A 236 10.62 -0.74 -6.52
N VAL A 237 10.60 -0.38 -7.80
CA VAL A 237 10.24 0.95 -8.25
C VAL A 237 8.94 1.38 -7.57
N LEU A 238 7.90 0.55 -7.69
CA LEU A 238 6.61 0.92 -7.12
C LEU A 238 6.69 1.09 -5.61
N ILE A 239 7.48 0.25 -4.93
CA ILE A 239 7.62 0.41 -3.49
C ILE A 239 8.20 1.78 -3.16
N ILE A 240 9.28 2.14 -3.84
CA ILE A 240 9.92 3.43 -3.59
C ILE A 240 8.94 4.56 -3.79
N ALA A 241 8.13 4.49 -4.84
CA ALA A 241 7.19 5.57 -5.11
C ALA A 241 6.01 5.55 -4.14
N SER A 242 5.59 4.37 -3.70
CA SER A 242 4.31 4.21 -3.03
C SER A 242 4.39 4.39 -1.53
N PHE A 243 5.41 3.85 -0.87
CA PHE A 243 5.36 3.78 0.59
C PHE A 243 5.60 5.11 1.29
N PRO A 244 6.22 6.11 0.64
CA PRO A 244 6.23 7.45 1.26
C PRO A 244 4.84 8.01 1.50
N ILE A 245 3.90 7.71 0.60
CA ILE A 245 2.52 8.17 0.78
C ILE A 245 1.94 7.60 2.07
N LEU A 246 2.11 6.29 2.29
CA LEU A 246 1.62 5.69 3.52
C LEU A 246 2.33 6.29 4.73
N THR A 247 3.63 6.50 4.63
CA THR A 247 4.35 7.14 5.72
C THR A 247 3.68 8.45 6.11
N VAL A 248 3.45 9.33 5.13
CA VAL A 248 2.96 10.66 5.45
C VAL A 248 1.52 10.62 5.91
N THR A 249 0.70 9.74 5.34
CA THR A 249 -0.69 9.66 5.75
C THR A 249 -0.80 9.19 7.20
N VAL A 250 -0.10 8.11 7.55
CA VAL A 250 -0.14 7.66 8.94
C VAL A 250 0.45 8.72 9.85
N ALA A 251 1.43 9.49 9.38
CA ALA A 251 2.03 10.52 10.21
C ALA A 251 1.03 11.64 10.50
N LEU A 252 0.30 12.07 9.47
CA LEU A 252 -0.72 13.08 9.67
C LEU A 252 -1.80 12.59 10.60
N LEU A 253 -2.13 11.30 10.53
CA LEU A 253 -3.19 10.80 11.40
C LEU A 253 -2.72 10.71 12.85
N THR A 254 -1.50 10.25 13.08
CA THR A 254 -0.98 10.30 14.45
C THR A 254 -0.91 11.73 14.96
N LEU A 255 -0.63 12.70 14.09
CA LEU A 255 -0.67 14.09 14.51
C LEU A 255 -2.08 14.47 14.93
N ASP A 256 -3.07 14.15 14.09
CA ASP A 256 -4.47 14.38 14.43
C ASP A 256 -4.81 13.80 15.80
N ARG A 257 -4.23 12.66 16.14
CA ARG A 257 -4.63 11.95 17.37
C ARG A 257 -3.84 12.38 18.60
N TYR A 258 -2.59 12.84 18.43
CA TYR A 258 -1.70 13.07 19.56
C TYR A 258 -1.57 14.53 19.96
N LEU A 259 -1.81 15.46 19.04
CA LEU A 259 -1.65 16.88 19.33
C LEU A 259 -2.89 17.72 19.05
N GLY A 260 -3.97 17.11 18.56
CA GLY A 260 -5.18 17.87 18.34
C GLY A 260 -5.21 18.64 17.05
N THR A 261 -4.48 18.17 16.04
CA THR A 261 -4.54 18.82 14.75
C THR A 261 -5.85 18.47 14.06
N HIS A 262 -6.10 19.11 12.93
CA HIS A 262 -7.39 19.08 12.26
C HIS A 262 -7.23 18.75 10.79
N PHE A 263 -6.46 17.70 10.50
CA PHE A 263 -6.26 17.31 9.10
C PHE A 263 -7.49 16.61 8.54
N PHE A 264 -8.07 15.67 9.30
CA PHE A 264 -9.23 14.92 8.84
C PHE A 264 -10.37 14.98 9.83
N THR A 265 -10.30 15.85 10.84
CA THR A 265 -11.38 15.97 11.80
C THR A 265 -12.64 16.49 11.10
N ASN A 266 -13.74 16.51 11.85
CA ASN A 266 -14.99 17.02 11.31
C ASN A 266 -15.07 18.54 11.46
N ASP A 267 -14.62 19.06 12.59
CA ASP A 267 -14.70 20.49 12.89
C ASP A 267 -13.39 21.19 12.54
N MET A 268 -13.43 22.51 12.59
CA MET A 268 -12.24 23.37 12.60
C MET A 268 -11.37 23.15 11.37
N GLY A 269 -12.01 23.07 10.21
CA GLY A 269 -11.32 23.15 8.94
C GLY A 269 -10.94 21.82 8.32
N GLY A 270 -10.81 20.77 9.11
CA GLY A 270 -10.36 19.50 8.58
C GLY A 270 -11.25 19.00 7.45
N ASN A 271 -10.74 18.01 6.73
CA ASN A 271 -11.48 17.37 5.65
C ASN A 271 -11.16 15.89 5.67
N MET A 272 -12.16 15.05 5.96
CA MET A 272 -11.94 13.61 6.02
C MET A 272 -11.65 13.04 4.64
N MET A 273 -12.32 13.55 3.61
CA MET A 273 -12.19 12.97 2.29
C MET A 273 -10.74 12.87 1.86
N MET A 274 -9.93 13.86 2.20
CA MET A 274 -8.56 13.88 1.74
C MET A 274 -7.84 12.61 2.14
N TYR A 275 -8.04 12.17 3.40
CA TYR A 275 -7.45 10.90 3.83
C TYR A 275 -7.82 9.78 2.87
N ILE A 276 -9.12 9.59 2.63
CA ILE A 276 -9.55 8.51 1.76
C ILE A 276 -8.87 8.61 0.41
N ASN A 277 -8.59 9.83 -0.04
CA ASN A 277 -7.91 10.00 -1.32
C ASN A 277 -6.45 9.61 -1.22
N LEU A 278 -5.79 10.02 -0.14
CA LEU A 278 -4.35 9.79 -0.02
C LEU A 278 -4.03 8.32 0.16
N ILE A 279 -4.67 7.67 1.14
CA ILE A 279 -4.26 6.31 1.47
C ILE A 279 -4.44 5.38 0.29
N TRP A 280 -5.51 5.53 -0.48
CA TRP A 280 -5.69 4.67 -1.64
C TRP A 280 -4.70 4.99 -2.75
N ALA A 281 -4.21 6.23 -2.82
CA ALA A 281 -3.09 6.51 -3.71
C ALA A 281 -1.92 5.60 -3.40
N TRP A 282 -1.76 5.22 -2.13
CA TRP A 282 -0.80 4.18 -1.78
C TRP A 282 -1.39 2.78 -1.88
N GLY A 283 -2.68 2.66 -1.60
CA GLY A 283 -3.27 1.34 -1.49
C GLY A 283 -3.30 0.58 -2.80
N HIS A 284 -3.49 1.28 -3.91
CA HIS A 284 -3.64 0.60 -5.17
C HIS A 284 -2.32 0.20 -5.78
N PRO A 285 -1.28 1.03 -5.68
CA PRO A 285 0.05 0.53 -6.03
C PRO A 285 0.41 -0.73 -5.29
N GLU A 286 0.01 -0.86 -4.03
CA GLU A 286 0.53 -1.93 -3.20
C GLU A 286 0.04 -3.30 -3.67
N VAL A 287 -1.22 -3.42 -4.06
CA VAL A 287 -1.68 -4.69 -4.61
C VAL A 287 -0.78 -5.09 -5.77
N TYR A 288 -0.41 -4.13 -6.60
CA TYR A 288 0.47 -4.46 -7.71
C TYR A 288 1.84 -4.86 -7.20
N ILE A 289 2.31 -4.20 -6.15
CA ILE A 289 3.59 -4.52 -5.52
C ILE A 289 3.60 -6.00 -5.15
N LEU A 290 2.43 -6.62 -5.07
CA LEU A 290 2.36 -8.04 -4.77
C LEU A 290 2.12 -8.89 -6.01
N ILE A 291 1.28 -8.45 -6.94
CA ILE A 291 0.96 -9.32 -8.06
C ILE A 291 2.12 -9.40 -9.05
N LEU A 292 3.04 -8.46 -9.00
CA LEU A 292 4.06 -8.37 -10.03
C LEU A 292 5.15 -9.40 -9.81
N PRO A 293 5.66 -9.57 -8.58
CA PRO A 293 6.67 -10.62 -8.36
C PRO A 293 6.13 -12.02 -8.63
N VAL A 294 4.99 -12.37 -8.04
CA VAL A 294 4.43 -13.69 -8.31
C VAL A 294 4.32 -13.92 -9.79
N PHE A 295 3.91 -12.90 -10.54
CA PHE A 295 3.84 -13.03 -11.99
C PHE A 295 5.16 -13.60 -12.51
N GLY A 296 6.27 -12.91 -12.21
CA GLY A 296 7.56 -13.43 -12.61
C GLY A 296 7.71 -14.91 -12.32
N VAL A 297 7.42 -15.30 -11.08
CA VAL A 297 7.55 -16.70 -10.69
C VAL A 297 6.89 -17.59 -11.73
N PHE A 298 5.61 -17.35 -12.01
CA PHE A 298 4.90 -18.23 -12.93
C PHE A 298 5.64 -18.32 -14.26
N SER A 299 6.04 -17.18 -14.81
CA SER A 299 6.85 -17.19 -16.02
C SER A 299 8.00 -18.18 -15.90
N GLU A 300 8.84 -18.01 -14.89
CA GLU A 300 9.96 -18.92 -14.71
C GLU A 300 9.49 -20.36 -14.78
N ILE A 301 8.48 -20.71 -13.99
CA ILE A 301 8.03 -22.10 -13.97
C ILE A 301 7.45 -22.49 -15.33
N ALA A 302 6.66 -21.60 -15.93
CA ALA A 302 6.14 -21.89 -17.25
C ALA A 302 7.25 -22.28 -18.20
N ALA A 303 8.43 -21.69 -18.04
CA ALA A 303 9.51 -21.99 -18.97
C ALA A 303 10.28 -23.23 -18.56
N THR A 304 10.30 -23.55 -17.28
CA THR A 304 11.10 -24.68 -16.81
C THR A 304 10.41 -26.00 -17.12
N PHE A 305 9.17 -26.15 -16.66
CA PHE A 305 8.50 -27.43 -16.76
C PHE A 305 7.83 -27.65 -18.11
N SER A 306 7.46 -26.60 -18.81
CA SER A 306 7.09 -26.79 -20.21
C SER A 306 8.31 -27.08 -21.07
N ARG A 307 9.50 -26.71 -20.59
CA ARG A 307 10.76 -27.08 -21.21
C ARG A 307 10.93 -26.40 -22.56
N LYS A 308 10.48 -25.15 -22.66
CA LYS A 308 10.78 -24.32 -23.82
C LYS A 308 10.98 -22.90 -23.34
N ARG A 309 11.40 -22.03 -24.26
CA ARG A 309 11.68 -20.65 -23.92
C ARG A 309 10.37 -19.87 -23.77
N LEU A 310 10.37 -18.95 -22.81
CA LEU A 310 9.21 -18.11 -22.58
C LEU A 310 8.78 -17.42 -23.86
N PHE A 311 7.47 -17.40 -24.11
CA PHE A 311 6.94 -16.76 -25.30
C PHE A 311 6.70 -15.29 -25.02
N GLY A 312 7.05 -14.45 -26.01
CA GLY A 312 6.81 -13.03 -25.90
C GLY A 312 7.57 -12.40 -24.76
N TYR A 313 8.87 -12.68 -24.69
CA TYR A 313 9.70 -12.10 -23.64
C TYR A 313 9.61 -10.58 -23.63
N THR A 314 9.94 -9.97 -24.76
CA THR A 314 9.87 -8.51 -24.87
C THR A 314 8.49 -8.02 -24.50
N SER A 315 7.46 -8.68 -25.01
CA SER A 315 6.10 -8.28 -24.71
C SER A 315 5.81 -8.38 -23.22
N LEU A 316 6.37 -9.40 -22.56
CA LEU A 316 6.15 -9.51 -21.12
C LEU A 316 6.83 -8.38 -20.36
N VAL A 317 8.03 -7.99 -20.78
CA VAL A 317 8.73 -6.93 -20.06
C VAL A 317 8.02 -5.60 -20.28
N TRP A 318 7.58 -5.35 -21.52
CA TRP A 318 6.88 -4.12 -21.79
C TRP A 318 5.53 -4.09 -21.09
N ALA A 319 4.87 -5.23 -20.98
CA ALA A 319 3.65 -5.32 -20.20
C ALA A 319 3.91 -4.93 -18.75
N THR A 320 4.95 -5.52 -18.14
CA THR A 320 5.19 -5.22 -16.74
C THR A 320 5.57 -3.75 -16.53
N VAL A 321 6.29 -3.15 -17.48
CA VAL A 321 6.65 -1.75 -17.34
C VAL A 321 5.42 -0.86 -17.49
N CYS A 322 4.59 -1.12 -18.50
CA CYS A 322 3.34 -0.39 -18.64
C CYS A 322 2.50 -0.49 -17.37
N ILE A 323 2.44 -1.69 -16.77
CA ILE A 323 1.70 -1.85 -15.53
C ILE A 323 2.29 -0.95 -14.44
N THR A 324 3.62 -0.96 -14.32
CA THR A 324 4.26 -0.11 -13.33
C THR A 324 3.83 1.33 -13.49
N VAL A 325 3.86 1.84 -14.72
CA VAL A 325 3.46 3.23 -14.94
C VAL A 325 2.00 3.43 -14.57
N LEU A 326 1.11 2.67 -15.20
CA LEU A 326 -0.33 2.87 -15.07
C LEU A 326 -0.85 2.61 -13.66
N SER A 327 -0.02 2.05 -12.79
CA SER A 327 -0.44 1.77 -11.43
C SER A 327 -0.52 3.02 -10.56
N PHE A 328 -0.35 4.19 -11.16
CA PHE A 328 -0.41 5.44 -10.41
C PHE A 328 -1.56 6.33 -10.84
N ILE A 329 -2.42 5.86 -11.71
CA ILE A 329 -3.49 6.68 -12.18
C ILE A 329 -4.84 5.96 -12.13
N VAL A 330 -5.09 5.27 -11.03
CA VAL A 330 -6.33 4.53 -10.87
C VAL A 330 -6.86 4.44 -9.44
N TRP A 331 -6.24 5.14 -8.50
CA TRP A 331 -6.64 4.98 -7.11
C TRP A 331 -8.06 5.46 -6.83
N LEU A 332 -8.55 6.47 -7.55
CA LEU A 332 -9.89 6.98 -7.31
C LEU A 332 -10.95 5.90 -7.35
N HIS A 333 -10.72 4.80 -8.06
CA HIS A 333 -11.73 3.78 -8.21
C HIS A 333 -12.00 3.02 -6.92
N HIS A 334 -11.29 3.32 -5.84
CA HIS A 334 -11.61 2.78 -4.54
C HIS A 334 -12.56 3.67 -3.75
N PHE A 335 -13.07 4.74 -4.34
CA PHE A 335 -14.11 5.52 -3.70
C PHE A 335 -15.00 6.21 -4.74
N PHE A 336 -15.50 5.44 -5.71
CA PHE A 336 -16.40 6.00 -6.70
C PHE A 336 -17.69 6.54 -6.08
N THR A 337 -18.02 6.12 -4.85
CA THR A 337 -19.28 6.48 -4.22
C THR A 337 -19.14 7.64 -3.25
N MET A 338 -17.98 8.29 -3.20
CA MET A 338 -17.77 9.42 -2.30
C MET A 338 -18.20 10.74 -2.91
N GLY A 339 -18.81 10.74 -4.09
CA GLY A 339 -19.52 11.90 -4.59
C GLY A 339 -18.92 12.58 -5.79
N ALA A 340 -17.65 12.35 -6.12
CA ALA A 340 -17.05 13.02 -7.27
C ALA A 340 -17.94 12.86 -8.50
N GLY A 341 -17.84 13.81 -9.41
CA GLY A 341 -18.80 13.90 -10.48
C GLY A 341 -18.66 12.78 -11.48
N ALA A 342 -19.33 12.99 -12.61
CA ALA A 342 -19.30 11.99 -13.67
C ALA A 342 -17.97 11.98 -14.41
N ASN A 343 -17.28 13.11 -14.49
CA ASN A 343 -16.07 13.16 -15.29
C ASN A 343 -14.90 12.49 -14.58
N VAL A 344 -14.68 12.85 -13.32
CA VAL A 344 -13.60 12.22 -12.57
C VAL A 344 -13.81 10.71 -12.53
N ASN A 345 -15.04 10.28 -12.27
CA ASN A 345 -15.37 8.86 -12.23
C ASN A 345 -15.12 8.20 -13.58
N ALA A 346 -15.63 8.79 -14.65
CA ALA A 346 -15.44 8.20 -15.97
C ALA A 346 -13.97 8.06 -16.31
N PHE A 347 -13.20 9.13 -16.07
CA PHE A 347 -11.78 9.08 -16.39
C PHE A 347 -11.09 7.98 -15.64
N PHE A 348 -11.31 7.91 -14.33
CA PHE A 348 -10.56 6.93 -13.56
C PHE A 348 -11.03 5.51 -13.83
N GLY A 349 -12.32 5.33 -14.14
CA GLY A 349 -12.77 4.01 -14.54
C GLY A 349 -12.13 3.57 -15.84
N ILE A 350 -12.02 4.47 -16.80
CA ILE A 350 -11.30 4.16 -18.03
C ILE A 350 -9.87 3.76 -17.73
N THR A 351 -9.16 4.59 -16.97
CA THR A 351 -7.75 4.31 -16.70
C THR A 351 -7.57 2.99 -15.96
N THR A 352 -8.55 2.60 -15.14
CA THR A 352 -8.49 1.28 -14.52
C THR A 352 -8.75 0.17 -15.52
N MET A 353 -9.66 0.38 -16.46
CA MET A 353 -9.93 -0.65 -17.46
C MET A 353 -8.82 -0.80 -18.48
N ILE A 354 -8.01 0.24 -18.65
CA ILE A 354 -6.88 0.24 -19.58
C ILE A 354 -5.74 -0.56 -18.99
N ILE A 355 -5.76 -0.80 -17.67
CA ILE A 355 -4.72 -1.58 -16.99
C ILE A 355 -4.84 -3.10 -17.30
N ALA A 356 -5.99 -3.53 -17.81
CA ALA A 356 -6.17 -4.88 -18.26
C ALA A 356 -5.39 -5.48 -19.43
N ILE A 357 -5.19 -4.72 -20.51
CA ILE A 357 -4.44 -5.24 -21.65
C ILE A 357 -3.06 -5.87 -21.26
N PRO A 358 -2.25 -5.13 -20.41
CA PRO A 358 -0.97 -5.75 -20.01
C PRO A 358 -1.10 -7.15 -19.44
N THR A 359 -1.94 -7.31 -18.42
CA THR A 359 -2.06 -8.61 -17.77
C THR A 359 -2.62 -9.65 -18.71
N GLY A 360 -3.50 -9.25 -19.63
CA GLY A 360 -4.02 -10.22 -20.58
C GLY A 360 -2.95 -10.70 -21.54
N VAL A 361 -2.14 -9.78 -22.05
CA VAL A 361 -0.98 -10.19 -22.83
C VAL A 361 -0.10 -11.14 -22.03
N LYS A 362 0.05 -10.86 -20.74
CA LYS A 362 0.87 -11.71 -19.89
C LYS A 362 0.33 -13.14 -19.85
N ILE A 363 -0.96 -13.30 -19.56
CA ILE A 363 -1.49 -14.65 -19.42
C ILE A 363 -1.51 -15.36 -20.77
N PHE A 364 -1.73 -14.64 -21.86
CA PHE A 364 -1.72 -15.33 -23.15
C PHE A 364 -0.33 -15.78 -23.53
N ASN A 365 0.70 -14.99 -23.20
CA ASN A 365 2.06 -15.43 -23.44
C ASN A 365 2.42 -16.62 -22.58
N TRP A 366 1.99 -16.61 -21.32
CA TRP A 366 2.16 -17.79 -20.46
C TRP A 366 1.54 -19.01 -21.12
N LEU A 367 0.31 -18.87 -21.62
CA LEU A 367 -0.38 -20.01 -22.22
C LEU A 367 0.33 -20.50 -23.46
N PHE A 368 0.81 -19.59 -24.30
CA PHE A 368 1.50 -20.00 -25.51
C PHE A 368 2.91 -20.48 -25.24
N THR A 369 3.42 -20.31 -24.02
CA THR A 369 4.59 -21.08 -23.62
C THR A 369 4.25 -22.56 -23.56
N MET A 370 3.22 -22.90 -22.79
CA MET A 370 2.79 -24.28 -22.63
C MET A 370 2.34 -24.92 -23.93
N TYR A 371 2.18 -24.12 -24.98
CA TYR A 371 1.40 -24.56 -26.13
C TYR A 371 2.01 -25.79 -26.78
N GLN A 372 3.26 -25.72 -27.20
CA GLN A 372 3.90 -26.85 -27.87
C GLN A 372 5.12 -27.29 -27.08
N GLY A 373 4.97 -27.44 -25.77
CA GLY A 373 6.05 -27.90 -24.91
C GLY A 373 5.92 -29.36 -24.56
N ARG A 374 6.48 -29.69 -23.40
CA ARG A 374 6.23 -30.95 -22.71
C ARG A 374 5.95 -30.59 -21.27
N ILE A 375 4.69 -30.75 -20.85
CA ILE A 375 4.27 -30.27 -19.54
C ILE A 375 4.46 -31.41 -18.55
N VAL A 376 5.39 -31.22 -17.63
CA VAL A 376 5.59 -32.12 -16.51
C VAL A 376 4.71 -31.65 -15.36
N PHE A 377 3.85 -32.53 -14.86
CA PHE A 377 2.86 -32.15 -13.86
C PHE A 377 3.47 -32.27 -12.45
N HIS A 378 4.33 -31.31 -12.16
CA HIS A 378 4.89 -31.12 -10.83
C HIS A 378 3.96 -30.21 -10.02
N SER A 379 4.10 -30.28 -8.69
CA SER A 379 3.26 -29.47 -7.82
C SER A 379 3.26 -28.01 -8.25
N ALA A 380 4.42 -27.50 -8.66
CA ALA A 380 4.55 -26.09 -9.01
C ALA A 380 3.72 -25.74 -10.24
N MET A 381 3.74 -26.58 -11.26
CA MET A 381 2.97 -26.23 -12.44
C MET A 381 1.47 -26.45 -12.23
N LEU A 382 1.10 -27.34 -11.30
CA LEU A 382 -0.29 -27.37 -10.85
C LEU A 382 -0.68 -26.01 -10.29
N TRP A 383 0.11 -25.52 -9.34
CA TRP A 383 -0.15 -24.18 -8.81
C TRP A 383 -0.28 -23.17 -9.94
N THR A 384 0.51 -23.33 -11.00
CA THR A 384 0.52 -22.33 -12.08
C THR A 384 -0.76 -22.40 -12.92
N ILE A 385 -1.13 -23.60 -13.37
CA ILE A 385 -2.35 -23.73 -14.16
C ILE A 385 -3.55 -23.26 -13.35
N GLY A 386 -3.57 -23.60 -12.06
CA GLY A 386 -4.64 -23.11 -11.20
C GLY A 386 -4.63 -21.60 -11.07
N PHE A 387 -3.44 -21.00 -11.00
CA PHE A 387 -3.34 -19.54 -10.98
C PHE A 387 -3.99 -18.95 -12.21
N ILE A 388 -3.62 -19.44 -13.39
CA ILE A 388 -4.23 -18.93 -14.61
C ILE A 388 -5.75 -18.98 -14.49
N VAL A 389 -6.30 -20.16 -14.17
CA VAL A 389 -7.75 -20.33 -14.17
C VAL A 389 -8.40 -19.39 -13.16
N THR A 390 -7.87 -19.34 -11.94
CA THR A 390 -8.51 -18.55 -10.88
C THR A 390 -8.37 -17.06 -11.12
N PHE A 391 -7.14 -16.59 -11.34
CA PHE A 391 -6.90 -15.17 -11.56
C PHE A 391 -7.67 -14.64 -12.76
N SER A 392 -7.91 -15.48 -13.78
CA SER A 392 -8.74 -15.01 -14.89
C SER A 392 -10.08 -14.50 -14.36
N VAL A 393 -10.78 -15.33 -13.60
CA VAL A 393 -12.12 -14.99 -13.13
C VAL A 393 -12.04 -13.81 -12.16
N GLY A 394 -11.02 -13.81 -11.30
CA GLY A 394 -10.87 -12.71 -10.36
C GLY A 394 -10.75 -11.38 -11.07
N GLY A 395 -9.87 -11.32 -12.06
CA GLY A 395 -9.69 -10.09 -12.80
C GLY A 395 -10.88 -9.71 -13.63
N MET A 396 -11.66 -10.70 -14.06
CA MET A 396 -12.88 -10.37 -14.79
C MET A 396 -13.86 -9.65 -13.88
N THR A 397 -14.12 -10.23 -12.71
CA THR A 397 -14.93 -9.53 -11.72
C THR A 397 -14.38 -8.13 -11.47
N GLY A 398 -13.06 -8.01 -11.39
CA GLY A 398 -12.47 -6.71 -11.13
C GLY A 398 -12.77 -5.68 -12.21
N VAL A 399 -12.51 -6.05 -13.46
CA VAL A 399 -12.87 -5.20 -14.59
C VAL A 399 -14.32 -4.78 -14.49
N LEU A 400 -15.22 -5.72 -14.20
CA LEU A 400 -16.63 -5.38 -14.13
C LEU A 400 -16.91 -4.39 -13.01
N LEU A 401 -16.14 -4.45 -11.92
CA LEU A 401 -16.34 -3.50 -10.85
C LEU A 401 -15.62 -2.17 -11.10
N ALA A 402 -14.79 -2.10 -12.13
CA ALA A 402 -14.17 -0.83 -12.52
C ALA A 402 -15.12 0.07 -13.31
N VAL A 403 -16.30 -0.40 -13.66
CA VAL A 403 -17.32 0.41 -14.33
C VAL A 403 -18.13 1.13 -13.27
N PRO A 404 -18.06 2.46 -13.16
CA PRO A 404 -18.61 3.12 -11.97
C PRO A 404 -20.09 2.85 -11.75
N GLY A 405 -20.88 2.80 -12.81
CA GLY A 405 -22.30 2.56 -12.66
C GLY A 405 -22.60 1.26 -11.98
N ALA A 406 -21.73 0.27 -12.15
CA ALA A 406 -21.88 -0.99 -11.43
C ALA A 406 -21.32 -0.90 -10.02
N ASP A 407 -20.21 -0.20 -9.83
CA ASP A 407 -19.69 -0.01 -8.49
C ASP A 407 -20.73 0.66 -7.61
N PHE A 408 -21.65 1.40 -8.22
CA PHE A 408 -22.71 2.06 -7.48
C PHE A 408 -23.56 1.05 -6.71
N VAL A 409 -23.66 -0.18 -7.21
CA VAL A 409 -24.45 -1.20 -6.53
C VAL A 409 -23.52 -2.15 -5.79
N LEU A 410 -22.40 -2.51 -6.40
CA LEU A 410 -21.56 -3.57 -5.87
C LEU A 410 -20.47 -3.07 -4.94
N HIS A 411 -20.40 -1.77 -4.66
CA HIS A 411 -19.38 -1.26 -3.76
C HIS A 411 -19.57 -1.81 -2.36
N ASN A 412 -18.49 -2.31 -1.77
CA ASN A 412 -18.46 -2.77 -0.39
C ASN A 412 -19.37 -3.97 -0.12
N SER A 413 -20.09 -4.44 -1.12
CA SER A 413 -20.84 -5.68 -0.96
C SER A 413 -19.87 -6.84 -0.88
N LEU A 414 -20.38 -8.03 -0.59
CA LEU A 414 -19.51 -9.20 -0.56
C LEU A 414 -18.87 -9.48 -1.92
N PHE A 415 -19.37 -8.86 -2.98
CA PHE A 415 -18.71 -8.98 -4.28
C PHE A 415 -17.28 -8.47 -4.21
N LEU A 416 -17.06 -7.39 -3.47
CA LEU A 416 -15.73 -6.82 -3.39
C LEU A 416 -14.76 -7.77 -2.70
N ILE A 417 -15.17 -8.34 -1.57
CA ILE A 417 -14.29 -9.30 -0.92
C ILE A 417 -14.12 -10.53 -1.78
N ALA A 418 -15.19 -10.99 -2.43
CA ALA A 418 -15.07 -12.11 -3.34
C ALA A 418 -13.99 -11.87 -4.38
N HIS A 419 -14.07 -10.74 -5.08
CA HIS A 419 -13.11 -10.48 -6.15
C HIS A 419 -11.70 -10.33 -5.59
N PHE A 420 -11.53 -9.53 -4.54
CA PHE A 420 -10.16 -9.25 -4.14
C PHE A 420 -9.52 -10.41 -3.39
N HIS A 421 -10.36 -11.32 -2.93
CA HIS A 421 -9.87 -12.54 -2.34
C HIS A 421 -9.48 -13.46 -3.42
N ASN A 422 -10.32 -13.47 -4.43
CA ASN A 422 -10.03 -14.24 -5.63
C ASN A 422 -8.64 -13.91 -6.14
N VAL A 423 -8.39 -12.64 -6.44
CA VAL A 423 -7.11 -12.30 -7.04
C VAL A 423 -5.98 -12.52 -6.05
N ILE A 424 -6.11 -12.18 -4.78
CA ILE A 424 -4.99 -12.39 -3.87
C ILE A 424 -4.70 -13.88 -3.66
N ILE A 425 -5.68 -14.65 -3.22
CA ILE A 425 -5.44 -16.08 -3.01
C ILE A 425 -5.05 -16.74 -4.32
N GLY A 426 -5.77 -16.44 -5.39
CA GLY A 426 -5.46 -17.02 -6.68
C GLY A 426 -4.08 -16.61 -7.15
N GLY A 427 -3.94 -15.32 -7.46
CA GLY A 427 -2.68 -14.77 -7.92
C GLY A 427 -1.49 -14.72 -6.97
N VAL A 428 -1.74 -14.39 -5.71
CA VAL A 428 -0.65 -14.24 -4.73
C VAL A 428 -0.25 -15.49 -3.95
N VAL A 429 -1.08 -15.92 -3.01
CA VAL A 429 -0.74 -17.12 -2.21
C VAL A 429 -0.39 -18.34 -3.07
N PHE A 430 -1.14 -18.53 -4.14
CA PHE A 430 -0.89 -19.60 -5.10
C PHE A 430 0.55 -19.56 -5.59
N GLY A 431 1.00 -18.37 -6.00
CA GLY A 431 2.33 -18.22 -6.54
C GLY A 431 3.42 -18.29 -5.50
N CYS A 432 3.14 -17.87 -4.26
CA CYS A 432 4.16 -17.97 -3.23
C CYS A 432 4.41 -19.41 -2.83
N PHE A 433 3.36 -20.22 -2.80
CA PHE A 433 3.56 -21.66 -2.62
C PHE A 433 4.27 -22.25 -3.82
N ALA A 434 3.88 -21.84 -5.04
CA ALA A 434 4.61 -22.27 -6.22
C ALA A 434 6.09 -21.96 -6.08
N GLY A 435 6.41 -20.78 -5.57
CA GLY A 435 7.79 -20.36 -5.45
C GLY A 435 8.55 -21.13 -4.40
N MET A 436 7.90 -21.46 -3.29
CA MET A 436 8.61 -22.25 -2.27
C MET A 436 8.83 -23.68 -2.76
N THR A 437 7.81 -24.31 -3.35
CA THR A 437 8.03 -25.63 -3.93
C THR A 437 9.06 -25.59 -5.05
N TYR A 438 9.24 -24.45 -5.71
CA TYR A 438 10.19 -24.38 -6.81
C TYR A 438 11.61 -24.19 -6.32
N TRP A 439 11.82 -23.31 -5.34
CA TRP A 439 13.16 -22.96 -4.88
C TRP A 439 13.52 -23.54 -3.52
N TRP A 440 12.79 -24.54 -3.04
CA TRP A 440 13.18 -25.17 -1.78
C TRP A 440 14.49 -25.94 -1.90
N PRO A 441 14.70 -26.76 -2.93
CA PRO A 441 15.99 -27.46 -3.05
C PRO A 441 17.16 -26.52 -3.14
N LYS A 442 16.95 -25.34 -3.69
CA LYS A 442 18.04 -24.38 -3.81
C LYS A 442 18.39 -23.73 -2.49
N ALA A 443 17.54 -23.90 -1.48
CA ALA A 443 17.75 -23.29 -0.18
C ALA A 443 18.14 -24.28 0.91
N PHE A 444 17.82 -25.57 0.73
CA PHE A 444 18.15 -26.56 1.75
C PHE A 444 18.81 -27.83 1.23
N GLY A 445 18.76 -28.10 -0.06
CA GLY A 445 19.42 -29.26 -0.62
C GLY A 445 18.53 -30.45 -0.88
N PHE A 446 17.35 -30.52 -0.26
CA PHE A 446 16.42 -31.60 -0.50
C PHE A 446 15.15 -31.06 -1.16
N LYS A 447 14.35 -31.97 -1.69
CA LYS A 447 13.09 -31.62 -2.30
C LYS A 447 11.93 -31.94 -1.36
N LEU A 448 10.95 -31.04 -1.35
CA LEU A 448 9.71 -31.28 -0.65
C LEU A 448 9.08 -32.59 -1.13
N ASN A 449 8.11 -33.07 -0.36
CA ASN A 449 7.40 -34.29 -0.72
C ASN A 449 6.25 -33.95 -1.65
N GLU A 450 6.16 -34.67 -2.77
CA GLU A 450 5.21 -34.32 -3.82
C GLU A 450 3.76 -34.66 -3.43
N THR A 451 3.54 -35.81 -2.79
CA THR A 451 2.18 -36.28 -2.58
C THR A 451 1.40 -35.31 -1.70
N TRP A 452 1.95 -34.98 -0.54
CA TRP A 452 1.26 -34.09 0.38
C TRP A 452 1.10 -32.70 -0.22
N GLY A 453 2.02 -32.30 -1.09
CA GLY A 453 1.88 -31.00 -1.74
C GLY A 453 0.76 -30.97 -2.76
N LYS A 454 0.62 -32.04 -3.54
CA LYS A 454 -0.50 -32.13 -4.45
C LYS A 454 -1.82 -32.12 -3.68
N ARG A 455 -1.86 -32.84 -2.57
CA ARG A 455 -3.05 -32.83 -1.72
C ARG A 455 -3.36 -31.42 -1.25
N ALA A 456 -2.34 -30.71 -0.79
CA ALA A 456 -2.52 -29.33 -0.35
C ALA A 456 -3.11 -28.46 -1.46
N PHE A 457 -2.55 -28.57 -2.67
CA PHE A 457 -3.01 -27.72 -3.76
C PHE A 457 -4.47 -27.99 -4.09
N TRP A 458 -4.85 -29.27 -4.16
CA TRP A 458 -6.22 -29.59 -4.51
C TRP A 458 -7.19 -29.09 -3.44
N PHE A 459 -6.85 -29.32 -2.17
CA PHE A 459 -7.71 -28.78 -1.10
C PHE A 459 -7.82 -27.27 -1.21
N TRP A 460 -6.71 -26.58 -1.47
CA TRP A 460 -6.74 -25.12 -1.52
C TRP A 460 -7.66 -24.64 -2.64
N ILE A 461 -7.54 -25.20 -3.83
CA ILE A 461 -8.32 -24.67 -4.95
C ILE A 461 -9.80 -24.98 -4.75
N ILE A 462 -10.13 -26.22 -4.39
CA ILE A 462 -11.53 -26.56 -4.20
C ILE A 462 -12.13 -25.75 -3.06
N GLY A 463 -11.36 -25.56 -1.98
CA GLY A 463 -11.86 -24.84 -0.84
C GLY A 463 -12.01 -23.36 -1.10
N PHE A 464 -11.11 -22.76 -1.88
CA PHE A 464 -11.29 -21.37 -2.24
C PHE A 464 -12.57 -21.19 -3.04
N PHE A 465 -12.79 -22.07 -4.01
CA PHE A 465 -14.03 -21.96 -4.78
C PHE A 465 -15.24 -22.07 -3.87
N VAL A 466 -15.36 -23.18 -3.14
CA VAL A 466 -16.53 -23.40 -2.29
C VAL A 466 -16.62 -22.40 -1.15
N ALA A 467 -15.58 -21.62 -0.88
CA ALA A 467 -15.69 -20.57 0.13
C ALA A 467 -16.17 -19.26 -0.46
N PHE A 468 -15.56 -18.81 -1.55
CA PHE A 468 -15.76 -17.45 -2.00
C PHE A 468 -16.75 -17.32 -3.15
N MET A 469 -16.94 -18.34 -3.99
CA MET A 469 -17.89 -18.14 -5.08
C MET A 469 -19.33 -18.07 -4.60
N PRO A 470 -19.68 -18.49 -3.39
CA PRO A 470 -20.98 -18.10 -2.83
C PRO A 470 -21.05 -16.64 -2.45
N LEU A 471 -19.92 -15.98 -2.19
CA LEU A 471 -19.98 -14.57 -1.83
C LEU A 471 -20.26 -13.66 -3.03
N TYR A 472 -19.97 -14.08 -4.25
CA TYR A 472 -20.45 -13.33 -5.41
C TYR A 472 -21.97 -13.24 -5.38
N ALA A 473 -22.63 -14.40 -5.26
CA ALA A 473 -24.08 -14.40 -5.16
C ALA A 473 -24.56 -13.63 -3.94
N LEU A 474 -23.82 -13.70 -2.83
CA LEU A 474 -24.27 -13.02 -1.63
C LEU A 474 -24.22 -11.51 -1.80
N GLY A 475 -23.09 -10.97 -2.26
CA GLY A 475 -23.00 -9.57 -2.57
C GLY A 475 -23.94 -9.13 -3.66
N PHE A 476 -24.44 -10.08 -4.44
CA PHE A 476 -25.46 -9.73 -5.42
C PHE A 476 -26.83 -9.53 -4.78
N MET A 477 -27.12 -10.20 -3.67
CA MET A 477 -28.44 -10.10 -3.06
C MET A 477 -28.51 -9.08 -1.95
N GLY A 478 -27.45 -8.33 -1.71
CA GLY A 478 -27.50 -7.17 -0.85
C GLY A 478 -26.61 -7.22 0.37
N MET A 479 -26.09 -8.38 0.72
CA MET A 479 -25.30 -8.49 1.95
C MET A 479 -24.02 -7.69 1.82
N THR A 480 -23.77 -6.82 2.79
CA THR A 480 -22.62 -5.94 2.76
C THR A 480 -21.52 -6.45 3.67
N ARG A 481 -20.49 -5.63 3.78
CA ARG A 481 -19.28 -5.98 4.50
C ARG A 481 -19.47 -5.85 6.01
N ARG A 482 -18.73 -6.66 6.74
CA ARG A 482 -18.44 -6.48 8.16
C ARG A 482 -19.67 -6.52 9.06
N LEU A 483 -20.70 -7.27 8.69
CA LEU A 483 -21.82 -7.47 9.59
C LEU A 483 -21.57 -8.67 10.48
N SER A 484 -22.05 -8.58 11.72
CA SER A 484 -21.75 -9.59 12.73
C SER A 484 -22.94 -10.05 13.55
N GLN A 485 -24.10 -9.41 13.47
CA GLN A 485 -25.21 -9.67 14.37
C GLN A 485 -26.51 -9.76 13.61
N GLN A 486 -27.45 -10.49 14.18
CA GLN A 486 -28.81 -10.55 13.66
C GLN A 486 -28.82 -10.48 12.14
N ILE A 487 -27.99 -11.29 11.49
CA ILE A 487 -27.86 -11.23 10.05
C ILE A 487 -29.14 -11.72 9.39
N ASP A 488 -29.50 -11.09 8.30
CA ASP A 488 -30.71 -11.46 7.58
C ASP A 488 -30.69 -12.96 7.25
N PRO A 489 -31.72 -13.72 7.64
CA PRO A 489 -31.68 -15.18 7.41
C PRO A 489 -31.64 -15.60 5.96
N GLN A 490 -32.05 -14.76 5.02
CA GLN A 490 -31.99 -15.19 3.63
C GLN A 490 -30.58 -15.21 3.09
N PHE A 491 -29.58 -14.99 3.94
CA PHE A 491 -28.19 -15.18 3.60
C PHE A 491 -27.61 -16.44 4.23
N HIS A 492 -28.44 -17.24 4.89
CA HIS A 492 -27.92 -18.35 5.69
C HIS A 492 -27.26 -19.40 4.81
N THR A 493 -28.00 -19.98 3.87
CA THR A 493 -27.46 -21.11 3.11
C THR A 493 -26.10 -20.76 2.53
N MET A 494 -26.05 -19.72 1.69
CA MET A 494 -24.77 -19.34 1.08
C MET A 494 -23.68 -19.25 2.13
N LEU A 495 -23.96 -18.57 3.24
CA LEU A 495 -22.93 -18.41 4.25
C LEU A 495 -22.55 -19.75 4.86
N MET A 496 -23.54 -20.59 5.16
CA MET A 496 -23.24 -21.92 5.66
C MET A 496 -22.47 -22.74 4.62
N ILE A 497 -22.58 -22.41 3.34
CA ILE A 497 -21.73 -23.05 2.34
C ILE A 497 -20.33 -22.49 2.42
N ALA A 498 -20.21 -21.16 2.54
CA ALA A 498 -18.89 -20.53 2.60
C ALA A 498 -18.03 -21.17 3.68
N ALA A 499 -18.56 -21.27 4.90
CA ALA A 499 -17.80 -21.87 5.99
C ALA A 499 -17.28 -23.25 5.61
N SER A 500 -18.11 -24.04 4.92
CA SER A 500 -17.65 -25.35 4.46
C SER A 500 -16.33 -25.22 3.72
N GLY A 501 -16.29 -24.36 2.70
CA GLY A 501 -15.05 -24.16 1.97
C GLY A 501 -13.91 -23.81 2.88
N ALA A 502 -14.17 -22.96 3.88
CA ALA A 502 -13.11 -22.58 4.81
C ALA A 502 -12.51 -23.82 5.46
N VAL A 503 -13.37 -24.73 5.91
CA VAL A 503 -12.89 -26.00 6.46
C VAL A 503 -11.92 -26.65 5.47
N LEU A 504 -12.34 -26.77 4.22
CA LEU A 504 -11.49 -27.35 3.21
C LEU A 504 -10.11 -26.69 3.20
N ILE A 505 -10.08 -25.37 3.26
CA ILE A 505 -8.80 -24.66 3.22
C ILE A 505 -7.95 -25.07 4.41
N ALA A 506 -8.55 -25.16 5.59
CA ALA A 506 -7.84 -25.68 6.75
C ALA A 506 -7.09 -26.96 6.39
N LEU A 507 -7.79 -27.91 5.77
CA LEU A 507 -7.14 -29.16 5.42
C LEU A 507 -5.94 -28.91 4.52
N GLY A 508 -6.10 -28.09 3.49
CA GLY A 508 -4.95 -27.70 2.70
C GLY A 508 -3.81 -27.21 3.55
N ILE A 509 -4.09 -26.24 4.43
CA ILE A 509 -3.04 -25.73 5.30
C ILE A 509 -2.51 -26.85 6.17
N LEU A 510 -3.38 -27.70 6.69
CA LEU A 510 -2.90 -28.85 7.44
C LEU A 510 -1.97 -29.69 6.58
N CYS A 511 -2.40 -30.00 5.35
CA CYS A 511 -1.53 -30.70 4.43
C CYS A 511 -0.16 -30.05 4.38
N LEU A 512 -0.12 -28.73 4.27
CA LEU A 512 1.15 -28.03 4.15
C LEU A 512 2.10 -28.49 5.26
N VAL A 513 1.64 -28.42 6.50
CA VAL A 513 2.48 -28.82 7.62
C VAL A 513 2.97 -30.24 7.42
N ILE A 514 2.06 -31.17 7.13
CA ILE A 514 2.47 -32.54 6.92
C ILE A 514 3.48 -32.59 5.78
N GLN A 515 3.18 -31.89 4.68
CA GLN A 515 4.13 -31.84 3.58
C GLN A 515 5.50 -31.42 4.06
N MET A 516 5.57 -30.37 4.89
CA MET A 516 6.85 -29.96 5.43
C MET A 516 7.44 -31.07 6.29
N TYR A 517 6.67 -31.61 7.22
CA TYR A 517 7.22 -32.53 8.20
C TYR A 517 7.89 -33.72 7.53
N VAL A 518 7.09 -34.55 6.85
CA VAL A 518 7.63 -35.74 6.20
C VAL A 518 8.75 -35.42 5.23
N SER A 519 8.94 -34.14 4.88
CA SER A 519 10.10 -33.78 4.08
C SER A 519 11.35 -33.71 4.94
N ILE A 520 11.32 -32.88 5.98
CA ILE A 520 12.49 -32.73 6.83
C ILE A 520 12.85 -34.06 7.47
N ARG A 521 11.87 -34.76 8.03
CA ARG A 521 12.14 -36.05 8.65
C ARG A 521 12.96 -36.93 7.74
N ASP A 522 12.80 -36.76 6.42
CA ASP A 522 13.35 -37.66 5.43
C ASP A 522 14.29 -36.90 4.47
N ARG A 523 14.96 -35.89 5.01
CA ARG A 523 15.90 -35.03 4.29
C ARG A 523 17.13 -35.78 3.82
N ASP A 524 17.46 -36.90 4.45
CA ASP A 524 18.65 -37.62 4.11
C ASP A 524 18.52 -38.63 2.99
N GLN A 525 17.41 -38.65 2.28
CA GLN A 525 17.31 -39.49 1.12
C GLN A 525 16.97 -38.74 -0.19
N ASN A 526 16.39 -37.52 -0.11
CA ASN A 526 15.80 -36.81 -1.24
C ASN A 526 16.59 -35.55 -1.52
N ARG A 527 17.89 -35.68 -1.79
CA ARG A 527 18.74 -34.52 -1.94
C ARG A 527 18.96 -34.18 -3.40
N ASP A 528 19.16 -32.90 -3.65
CA ASP A 528 19.57 -32.38 -4.95
C ASP A 528 21.08 -32.24 -4.90
N LEU A 529 21.78 -33.19 -5.50
CA LEU A 529 23.24 -33.23 -5.38
C LEU A 529 23.95 -32.55 -6.54
N THR A 530 23.25 -32.22 -7.60
CA THR A 530 23.83 -31.44 -8.69
C THR A 530 23.72 -29.96 -8.43
N GLY A 531 22.59 -29.51 -7.92
CA GLY A 531 22.23 -28.12 -7.91
C GLY A 531 21.13 -27.78 -8.89
N ASP A 532 20.76 -28.71 -9.76
CA ASP A 532 19.79 -28.47 -10.83
C ASP A 532 18.73 -29.57 -10.76
N PRO A 533 17.76 -29.45 -9.85
CA PRO A 533 16.83 -30.55 -9.63
C PRO A 533 15.68 -30.62 -10.61
N TRP A 534 15.54 -29.64 -11.49
CA TRP A 534 14.39 -29.58 -12.39
C TRP A 534 14.77 -29.48 -13.86
N GLY A 535 16.04 -29.29 -14.18
CA GLY A 535 16.42 -28.99 -15.54
C GLY A 535 16.21 -27.51 -15.82
N GLY A 536 16.63 -26.68 -14.87
CA GLY A 536 16.33 -25.28 -14.91
C GLY A 536 16.97 -24.56 -16.07
N ARG A 537 16.80 -23.23 -16.06
CA ARG A 537 17.25 -22.40 -17.16
C ARG A 537 18.08 -21.20 -16.75
N THR A 538 17.94 -20.70 -15.53
CA THR A 538 18.60 -19.48 -15.11
C THR A 538 19.78 -19.79 -14.21
N LEU A 539 20.47 -18.73 -13.79
CA LEU A 539 21.80 -18.89 -13.24
C LEU A 539 21.80 -19.50 -11.86
N GLU A 540 20.72 -19.34 -11.11
CA GLU A 540 20.67 -19.87 -9.75
C GLU A 540 20.98 -21.35 -9.74
N TRP A 541 20.52 -22.08 -10.74
CA TRP A 541 20.69 -23.52 -10.78
C TRP A 541 22.12 -23.93 -11.06
N ALA A 542 22.96 -23.02 -11.56
CA ALA A 542 24.35 -23.36 -11.81
C ALA A 542 25.19 -23.47 -10.53
N THR A 543 24.67 -22.98 -9.42
CA THR A 543 25.39 -23.01 -8.13
C THR A 543 25.34 -24.40 -7.47
N SER A 544 25.80 -24.50 -6.22
CA SER A 544 25.73 -25.75 -5.43
C SER A 544 24.29 -26.15 -4.93
N SER A 545 24.18 -27.34 -4.32
CA SER A 545 22.92 -27.87 -3.76
C SER A 545 22.27 -26.78 -2.95
N PRO A 546 22.90 -26.44 -1.83
CA PRO A 546 22.61 -25.27 -1.01
C PRO A 546 23.84 -24.44 -1.42
N PRO A 547 23.65 -23.25 -2.00
CA PRO A 547 24.86 -22.55 -2.43
C PRO A 547 25.80 -22.07 -1.33
N PRO A 548 27.03 -21.73 -1.72
CA PRO A 548 28.09 -21.21 -0.83
C PRO A 548 27.78 -19.80 -0.34
N PHE A 549 28.34 -19.39 0.80
CA PHE A 549 28.02 -18.07 1.36
C PHE A 549 28.18 -16.91 0.37
N TYR A 550 29.04 -17.16 -0.62
CA TYR A 550 29.27 -16.28 -1.74
C TYR A 550 28.59 -17.07 -2.83
N ASN A 551 27.68 -16.45 -3.57
CA ASN A 551 26.90 -17.21 -4.55
C ASN A 551 27.78 -17.92 -5.58
N PHE A 552 28.77 -17.22 -6.12
CA PHE A 552 29.68 -17.79 -7.11
C PHE A 552 31.11 -17.45 -6.70
N ALA A 553 32.04 -18.38 -6.94
CA ALA A 553 33.44 -18.13 -6.60
C ALA A 553 34.13 -17.29 -7.67
N VAL A 554 33.58 -17.27 -8.88
CA VAL A 554 34.09 -16.47 -9.98
C VAL A 554 32.86 -15.97 -10.73
N VAL A 555 32.60 -14.66 -10.65
CA VAL A 555 31.40 -14.08 -11.24
C VAL A 555 31.25 -14.59 -12.65
N PRO A 556 30.11 -15.16 -13.03
CA PRO A 556 29.96 -15.62 -14.40
C PRO A 556 29.96 -14.48 -15.40
N HIS A 557 30.19 -14.84 -16.65
CA HIS A 557 30.10 -13.93 -17.77
C HIS A 557 28.98 -14.41 -18.69
N VAL A 558 27.95 -13.59 -18.86
CA VAL A 558 26.79 -13.95 -19.67
C VAL A 558 27.05 -13.58 -21.11
N HIS A 559 26.39 -14.28 -22.02
CA HIS A 559 26.38 -13.94 -23.44
C HIS A 559 24.99 -14.00 -24.05
N GLU A 560 23.89 -14.60 -23.49
CA GLU A 560 22.59 -14.75 -24.13
C GLU A 560 21.51 -14.56 -23.07
N ARG A 561 20.24 -14.59 -23.49
CA ARG A 561 19.14 -14.40 -22.54
C ARG A 561 18.96 -15.41 -21.41
N ASP A 562 19.01 -16.71 -21.67
CA ASP A 562 18.90 -17.71 -20.59
C ASP A 562 20.34 -18.12 -20.43
N ALA A 563 20.95 -17.85 -19.28
CA ALA A 563 22.39 -18.04 -19.21
C ALA A 563 22.75 -19.50 -19.00
N PHE A 564 22.10 -20.16 -18.03
CA PHE A 564 22.51 -21.50 -17.65
C PHE A 564 22.15 -22.52 -18.73
N TRP A 565 21.04 -22.32 -19.44
CA TRP A 565 20.63 -23.32 -20.41
C TRP A 565 21.60 -23.36 -21.59
N GLU A 566 22.00 -22.20 -22.09
CA GLU A 566 22.92 -22.17 -23.21
C GLU A 566 24.28 -22.71 -22.82
N MET A 567 24.66 -22.55 -21.55
CA MET A 567 25.87 -23.19 -21.05
C MET A 567 25.73 -24.71 -21.06
N LYS A 568 24.59 -25.22 -20.60
CA LYS A 568 24.34 -26.65 -20.63
C LYS A 568 24.31 -27.19 -22.04
N GLU A 569 24.21 -26.33 -23.05
CA GLU A 569 23.98 -26.77 -24.42
C GLU A 569 25.25 -26.77 -25.25
N LYS A 570 26.10 -25.74 -25.11
CA LYS A 570 27.30 -25.70 -25.93
C LYS A 570 28.15 -26.94 -25.73
N GLY A 571 28.07 -27.52 -24.53
CA GLY A 571 29.04 -28.48 -24.09
C GLY A 571 29.99 -27.94 -23.05
N GLU A 572 29.69 -26.80 -22.44
CA GLU A 572 30.59 -26.14 -21.51
C GLU A 572 29.75 -25.49 -20.40
N ALA A 573 29.47 -26.26 -19.36
CA ALA A 573 28.58 -25.82 -18.29
C ALA A 573 29.15 -26.01 -16.89
N TYR A 574 30.15 -26.85 -16.72
CA TYR A 574 30.81 -27.05 -15.43
C TYR A 574 32.32 -27.05 -15.69
N LYS A 575 32.91 -25.86 -15.66
CA LYS A 575 34.29 -25.65 -16.11
C LYS A 575 35.07 -24.94 -15.01
N LYS A 576 35.73 -25.72 -14.15
CA LYS A 576 36.48 -25.16 -13.04
C LYS A 576 37.45 -24.09 -13.52
N PRO A 577 37.29 -22.84 -13.09
CA PRO A 577 38.30 -21.82 -13.39
C PRO A 577 39.68 -22.25 -12.88
N ASP A 578 40.70 -21.58 -13.42
CA ASP A 578 42.08 -22.05 -13.26
C ASP A 578 42.66 -21.64 -11.90
N HIS A 579 42.61 -20.35 -11.57
CA HIS A 579 43.13 -19.83 -10.31
C HIS A 579 42.02 -19.11 -9.56
N TYR A 580 41.82 -19.49 -8.30
CA TYR A 580 40.80 -18.88 -7.45
C TYR A 580 41.36 -17.69 -6.70
N GLU A 581 40.50 -16.71 -6.44
CA GLU A 581 40.90 -15.40 -5.94
C GLU A 581 40.17 -15.08 -4.65
N GLU A 582 40.86 -14.44 -3.71
CA GLU A 582 40.24 -14.02 -2.46
C GLU A 582 38.96 -13.26 -2.74
N ILE A 583 37.95 -13.45 -1.89
CA ILE A 583 36.67 -12.79 -2.10
C ILE A 583 36.39 -11.84 -0.94
N HIS A 584 36.05 -10.60 -1.26
CA HIS A 584 35.77 -9.58 -0.26
C HIS A 584 34.28 -9.63 0.10
N MET A 585 33.98 -9.85 1.38
CA MET A 585 32.61 -10.06 1.80
C MET A 585 32.29 -9.25 3.05
N PRO A 586 31.02 -9.01 3.34
CA PRO A 586 30.62 -8.25 4.52
C PRO A 586 30.39 -9.12 5.75
N LYS A 587 30.50 -8.49 6.90
CA LYS A 587 30.48 -9.20 8.18
C LYS A 587 29.07 -9.21 8.78
N ASN A 588 28.91 -10.03 9.82
CA ASN A 588 27.64 -10.13 10.54
C ASN A 588 27.60 -9.08 11.64
N SER A 589 26.45 -8.45 11.83
CA SER A 589 26.30 -7.36 12.77
C SER A 589 25.10 -7.57 13.68
N GLY A 590 25.29 -7.33 14.96
CA GLY A 590 24.23 -7.32 15.94
C GLY A 590 23.60 -5.98 16.17
N ALA A 591 24.01 -4.96 15.41
CA ALA A 591 23.50 -3.62 15.62
C ALA A 591 22.06 -3.48 15.17
N GLY A 592 21.68 -4.19 14.11
CA GLY A 592 20.34 -4.01 13.56
C GLY A 592 19.26 -4.46 14.52
N ILE A 593 19.41 -5.65 15.09
CA ILE A 593 18.45 -6.12 16.06
C ILE A 593 18.40 -5.19 17.27
N VAL A 594 19.47 -4.44 17.53
CA VAL A 594 19.47 -3.55 18.68
C VAL A 594 18.70 -2.26 18.37
N ILE A 595 18.97 -1.66 17.21
CA ILE A 595 18.10 -0.58 16.74
C ILE A 595 16.65 -1.02 16.83
N ALA A 596 16.39 -2.27 16.43
CA ALA A 596 15.01 -2.73 16.35
C ALA A 596 14.40 -2.92 17.73
N ALA A 597 15.18 -3.40 18.68
CA ALA A 597 14.68 -3.52 20.04
C ALA A 597 14.35 -2.16 20.61
N PHE A 598 15.23 -1.20 20.42
CA PHE A 598 14.94 0.16 20.89
C PHE A 598 13.68 0.70 20.21
N SER A 599 13.50 0.37 18.92
CA SER A 599 12.31 0.83 18.20
C SER A 599 11.05 0.20 18.77
N THR A 600 11.09 -1.09 19.12
CA THR A 600 9.95 -1.73 19.76
C THR A 600 9.60 -1.03 21.06
N ILE A 601 10.61 -0.77 21.90
CA ILE A 601 10.34 -0.10 23.16
C ILE A 601 9.74 1.27 22.92
N PHE A 602 10.26 1.99 21.93
CA PHE A 602 9.76 3.32 21.60
C PHE A 602 8.30 3.27 21.20
N GLY A 603 7.95 2.37 20.28
CA GLY A 603 6.58 2.30 19.83
C GLY A 603 5.64 1.92 20.95
N PHE A 604 6.01 0.92 21.74
CA PHE A 604 5.13 0.48 22.83
C PHE A 604 4.97 1.57 23.88
N ALA A 605 5.96 2.43 24.05
CA ALA A 605 5.79 3.55 24.96
C ALA A 605 4.91 4.65 24.37
N MET A 606 5.02 4.91 23.07
CA MET A 606 4.13 5.85 22.42
C MET A 606 2.68 5.38 22.45
N ILE A 607 2.44 4.07 22.42
CA ILE A 607 1.07 3.57 22.38
C ILE A 607 0.42 3.62 23.76
N TRP A 608 1.20 3.55 24.82
CA TRP A 608 0.66 3.60 26.17
C TRP A 608 1.00 4.89 26.89
N HIS A 609 1.42 5.92 26.15
CA HIS A 609 1.60 7.27 26.69
C HIS A 609 2.67 7.35 27.76
N ILE A 610 3.66 6.46 27.69
CA ILE A 610 4.81 6.52 28.58
C ILE A 610 5.86 7.36 27.87
N TRP A 611 6.02 8.61 28.30
CA TRP A 611 6.81 9.56 27.54
C TRP A 611 8.31 9.43 27.81
N TRP A 612 8.72 9.20 29.06
CA TRP A 612 10.16 9.07 29.30
C TRP A 612 10.73 7.87 28.56
N LEU A 613 9.97 6.79 28.44
CA LEU A 613 10.52 5.62 27.78
C LEU A 613 10.45 5.75 26.26
N ALA A 614 9.44 6.42 25.73
CA ALA A 614 9.47 6.75 24.30
C ALA A 614 10.70 7.60 23.99
N ILE A 615 11.04 8.52 24.89
CA ILE A 615 12.23 9.33 24.69
C ILE A 615 13.47 8.48 24.73
N VAL A 616 13.58 7.59 25.72
CA VAL A 616 14.74 6.71 25.81
C VAL A 616 14.86 5.84 24.57
N GLY A 617 13.74 5.39 24.03
CA GLY A 617 13.76 4.54 22.85
C GLY A 617 14.28 5.24 21.64
N PHE A 618 13.65 6.36 21.27
CA PHE A 618 14.15 7.16 20.15
C PHE A 618 15.62 7.51 20.35
N ALA A 619 15.95 7.97 21.56
CA ALA A 619 17.31 8.39 21.86
C ALA A 619 18.24 7.28 21.60
N GLY A 620 17.98 6.13 22.20
CA GLY A 620 18.86 5.01 22.04
C GLY A 620 18.98 4.58 20.60
N MET A 621 17.89 4.56 19.86
CA MET A 621 17.94 4.13 18.48
C MET A 621 18.84 5.02 17.64
N ILE A 622 18.66 6.33 17.77
CA ILE A 622 19.48 7.25 16.99
C ILE A 622 20.90 7.21 17.50
N ILE A 623 21.09 7.04 18.80
CA ILE A 623 22.42 6.98 19.35
C ILE A 623 23.10 5.77 18.76
N THR A 624 22.47 4.61 18.78
CA THR A 624 23.07 3.41 18.19
C THR A 624 23.41 3.59 16.69
N TRP A 625 22.57 4.30 15.95
CA TRP A 625 22.90 4.64 14.58
C TRP A 625 24.20 5.40 14.52
N ILE A 626 24.39 6.33 15.45
CA ILE A 626 25.56 7.20 15.48
C ILE A 626 26.81 6.49 15.96
N VAL A 627 26.65 5.36 16.66
CA VAL A 627 27.83 4.64 17.14
C VAL A 627 28.26 3.54 16.17
N LYS A 628 27.35 3.02 15.36
CA LYS A 628 27.74 2.05 14.34
C LYS A 628 28.40 2.71 13.14
N SER A 629 28.41 4.04 13.06
CA SER A 629 29.09 4.75 11.99
C SER A 629 30.56 4.96 12.29
N PHE A 630 31.03 4.56 13.47
CA PHE A 630 32.40 4.80 13.87
C PHE A 630 33.32 3.64 13.55
N ASP A 631 32.86 2.40 13.69
CA ASP A 631 33.73 1.25 13.63
C ASP A 631 33.86 0.72 12.20
N GLU A 632 35.09 0.43 11.79
CA GLU A 632 35.41 0.09 10.41
C GLU A 632 35.76 -1.37 10.22
N ASP A 633 35.52 -2.23 11.22
CA ASP A 633 35.75 -3.66 11.08
C ASP A 633 34.55 -4.32 10.41
N VAL A 634 34.20 -3.79 9.25
CA VAL A 634 32.92 -4.06 8.61
C VAL A 634 33.00 -5.10 7.49
N ASP A 635 34.19 -5.53 7.10
CA ASP A 635 34.28 -6.50 6.01
C ASP A 635 35.54 -7.33 6.19
N TYR A 636 35.53 -8.52 5.59
CA TYR A 636 36.62 -9.47 5.71
C TYR A 636 36.88 -10.09 4.34
N TYR A 637 37.94 -10.89 4.27
CA TYR A 637 38.33 -11.56 3.03
C TYR A 637 38.28 -13.07 3.22
N VAL A 638 37.68 -13.74 2.24
CA VAL A 638 37.63 -15.20 2.20
C VAL A 638 38.87 -15.67 1.44
N PRO A 639 39.76 -16.46 2.08
CA PRO A 639 40.96 -16.95 1.40
C PRO A 639 40.67 -17.96 0.31
N VAL A 640 41.71 -18.39 -0.39
CA VAL A 640 41.53 -19.32 -1.49
C VAL A 640 41.47 -20.77 -1.01
N ALA A 641 42.03 -21.08 0.15
CA ALA A 641 41.93 -22.44 0.67
C ALA A 641 40.47 -22.88 0.76
N GLU A 642 39.63 -22.03 1.36
CA GLU A 642 38.25 -22.40 1.58
C GLU A 642 37.46 -22.45 0.29
N ILE A 643 37.74 -21.52 -0.62
CA ILE A 643 37.03 -21.51 -1.90
C ILE A 643 37.39 -22.76 -2.70
N GLU A 644 38.66 -23.15 -2.71
CA GLU A 644 39.06 -24.38 -3.37
C GLU A 644 38.43 -25.60 -2.71
N LYS A 645 38.47 -25.66 -1.39
CA LYS A 645 37.81 -26.75 -0.67
C LYS A 645 36.37 -26.94 -1.13
N LEU A 646 35.58 -25.87 -1.05
CA LEU A 646 34.15 -25.98 -1.34
C LEU A 646 33.91 -26.32 -2.81
N GLU A 647 34.64 -25.69 -3.73
CA GLU A 647 34.37 -25.97 -5.13
C GLU A 647 34.85 -27.35 -5.53
N ASN A 648 35.91 -27.85 -4.89
CA ASN A 648 36.30 -29.24 -5.08
C ASN A 648 35.17 -30.17 -4.63
N GLN A 649 34.57 -29.88 -3.47
CA GLN A 649 33.42 -30.64 -3.01
C GLN A 649 32.31 -30.67 -4.07
N HIS A 650 31.93 -29.50 -4.57
CA HIS A 650 30.77 -29.45 -5.45
C HIS A 650 31.07 -30.13 -6.80
N PHE A 651 32.29 -29.97 -7.32
CA PHE A 651 32.60 -30.59 -8.59
C PHE A 651 32.85 -32.09 -8.45
N ASP A 652 33.26 -32.55 -7.26
CA ASP A 652 33.20 -33.97 -6.96
C ASP A 652 31.78 -34.49 -7.08
N GLU A 653 30.85 -33.82 -6.39
CA GLU A 653 29.46 -34.22 -6.49
C GLU A 653 28.97 -34.24 -7.93
N ILE A 654 29.42 -33.28 -8.74
CA ILE A 654 28.95 -33.21 -10.12
C ILE A 654 29.53 -34.33 -10.96
N THR A 655 30.85 -34.50 -10.92
CA THR A 655 31.49 -35.59 -11.65
C THR A 655 30.93 -36.94 -11.24
N LYS A 656 30.47 -37.05 -9.99
CA LYS A 656 29.82 -38.28 -9.55
C LYS A 656 28.41 -38.41 -10.12
N ALA A 657 27.77 -37.27 -10.41
CA ALA A 657 26.39 -37.31 -10.88
C ALA A 657 26.32 -37.58 -12.37
N GLY A 658 27.07 -36.83 -13.17
CA GLY A 658 27.25 -37.20 -14.56
C GLY A 658 27.82 -38.60 -14.70
N LEU A 659 28.47 -39.05 -13.64
CA LEU A 659 29.07 -40.38 -13.61
C LEU A 659 28.00 -41.45 -13.41
N LYS A 660 27.04 -41.16 -12.54
CA LYS A 660 25.96 -42.10 -12.26
C LYS A 660 24.77 -41.38 -11.63
N GLY B 24 -27.49 -15.19 -8.64
CA GLY B 24 -28.86 -15.34 -8.20
C GLY B 24 -29.85 -14.52 -9.00
N CYS B 25 -30.76 -15.19 -9.70
CA CYS B 25 -31.73 -14.48 -10.53
C CYS B 25 -32.68 -13.65 -9.68
N ASN B 26 -33.15 -14.21 -8.56
CA ASN B 26 -34.03 -13.49 -7.65
C ASN B 26 -33.28 -12.55 -6.74
N SER B 27 -32.01 -12.29 -7.04
CA SER B 27 -31.22 -11.34 -6.29
C SER B 27 -31.89 -9.97 -6.26
N ALA B 28 -31.46 -9.15 -5.30
CA ALA B 28 -31.90 -7.77 -5.25
C ALA B 28 -31.35 -6.95 -6.41
N LEU B 29 -30.20 -7.35 -6.96
CA LEU B 29 -29.59 -6.63 -8.07
C LEU B 29 -29.98 -7.17 -9.43
N LEU B 30 -30.26 -8.47 -9.54
CA LEU B 30 -30.58 -9.09 -10.82
C LEU B 30 -32.08 -9.19 -11.06
N ASP B 31 -32.90 -8.78 -10.11
CA ASP B 31 -34.35 -8.62 -10.31
C ASP B 31 -34.79 -7.35 -9.60
N PRO B 32 -34.23 -6.21 -10.00
CA PRO B 32 -34.53 -4.97 -9.30
C PRO B 32 -35.88 -4.40 -9.71
N LYS B 33 -36.31 -3.39 -8.95
CA LYS B 33 -37.63 -2.83 -9.11
C LYS B 33 -37.64 -1.33 -9.37
N GLY B 34 -36.49 -0.65 -9.28
CA GLY B 34 -36.38 0.74 -9.66
C GLY B 34 -35.67 0.86 -10.99
N GLN B 35 -35.98 1.92 -11.72
CA GLN B 35 -35.39 2.12 -13.04
C GLN B 35 -33.87 2.13 -12.95
N ILE B 36 -33.32 2.89 -12.01
CA ILE B 36 -31.88 3.07 -11.93
C ILE B 36 -31.20 1.72 -11.82
N GLY B 37 -31.67 0.87 -10.90
CA GLY B 37 -31.16 -0.48 -10.79
C GLY B 37 -31.39 -1.29 -12.04
N LEU B 38 -32.42 -0.96 -12.80
CA LEU B 38 -32.72 -1.69 -14.02
C LEU B 38 -31.60 -1.50 -15.04
N GLU B 39 -31.25 -0.25 -15.32
CA GLU B 39 -30.12 0.00 -16.22
C GLU B 39 -28.82 -0.43 -15.58
N GLN B 40 -28.72 -0.37 -14.26
CA GLN B 40 -27.55 -0.91 -13.58
C GLN B 40 -27.32 -2.37 -13.96
N ARG B 41 -28.38 -3.17 -13.95
CA ARG B 41 -28.22 -4.58 -14.25
C ARG B 41 -27.95 -4.80 -15.72
N SER B 42 -28.62 -4.05 -16.60
CA SER B 42 -28.34 -4.20 -18.01
C SER B 42 -26.87 -3.92 -18.29
N LEU B 43 -26.33 -2.86 -17.68
CA LEU B 43 -24.91 -2.55 -17.78
C LEU B 43 -24.07 -3.73 -17.31
N ILE B 44 -24.38 -4.26 -16.13
CA ILE B 44 -23.58 -5.34 -15.58
C ILE B 44 -23.53 -6.51 -16.56
N LEU B 45 -24.67 -6.88 -17.12
CA LEU B 45 -24.69 -8.09 -17.94
C LEU B 45 -24.00 -7.87 -19.28
N THR B 46 -24.12 -6.69 -19.89
CA THR B 46 -23.35 -6.49 -21.11
C THR B 46 -21.85 -6.48 -20.82
N ALA B 47 -21.43 -5.92 -19.69
CA ALA B 47 -20.02 -5.95 -19.36
C ALA B 47 -19.53 -7.38 -19.17
N PHE B 48 -20.32 -8.19 -18.46
CA PHE B 48 -19.96 -9.59 -18.26
C PHE B 48 -19.83 -10.31 -19.59
N GLY B 49 -20.88 -10.24 -20.41
CA GLY B 49 -20.85 -10.91 -21.69
C GLY B 49 -19.86 -10.34 -22.67
N LEU B 50 -19.30 -9.18 -22.38
CA LEU B 50 -18.20 -8.66 -23.19
C LEU B 50 -16.86 -9.23 -22.73
N MET B 51 -16.69 -9.42 -21.44
CA MET B 51 -15.45 -9.94 -20.92
C MET B 51 -15.34 -11.44 -21.10
N LEU B 52 -16.46 -12.09 -21.24
CA LEU B 52 -16.44 -13.55 -21.43
C LEU B 52 -15.65 -13.93 -22.67
N ILE B 53 -15.74 -13.12 -23.71
CA ILE B 53 -15.08 -13.45 -24.98
C ILE B 53 -13.57 -13.66 -24.88
N VAL B 54 -12.90 -13.05 -23.93
CA VAL B 54 -11.49 -13.34 -23.83
C VAL B 54 -11.13 -14.07 -22.52
N VAL B 55 -12.09 -14.28 -21.60
CA VAL B 55 -11.80 -15.06 -20.40
C VAL B 55 -12.22 -16.51 -20.49
N ILE B 56 -13.21 -16.81 -21.31
CA ILE B 56 -13.60 -18.21 -21.52
C ILE B 56 -12.53 -18.89 -22.37
N PRO B 57 -12.11 -18.30 -23.49
CA PRO B 57 -11.05 -18.95 -24.27
C PRO B 57 -9.78 -19.12 -23.48
N ALA B 58 -9.50 -18.23 -22.53
CA ALA B 58 -8.30 -18.37 -21.72
C ALA B 58 -8.32 -19.67 -20.92
N ILE B 59 -9.33 -19.85 -20.08
CA ILE B 59 -9.44 -21.08 -19.28
C ILE B 59 -9.51 -22.30 -20.18
N LEU B 60 -10.31 -22.23 -21.24
CA LEU B 60 -10.48 -23.39 -22.10
C LEU B 60 -9.14 -23.81 -22.70
N MET B 61 -8.42 -22.86 -23.30
CA MET B 61 -7.08 -23.14 -23.81
C MET B 61 -6.16 -23.61 -22.72
N ALA B 62 -6.33 -23.10 -21.49
CA ALA B 62 -5.44 -23.48 -20.41
C ALA B 62 -5.50 -24.97 -20.18
N VAL B 63 -6.70 -25.49 -19.94
CA VAL B 63 -6.83 -26.94 -19.73
C VAL B 63 -6.51 -27.69 -21.02
N GLY B 64 -6.93 -27.17 -22.17
CA GLY B 64 -6.68 -27.87 -23.42
C GLY B 64 -5.20 -28.10 -23.66
N PHE B 65 -4.39 -27.06 -23.45
CA PHE B 65 -2.95 -27.21 -23.62
C PHE B 65 -2.36 -28.05 -22.50
N ALA B 66 -2.85 -27.88 -21.27
CA ALA B 66 -2.40 -28.72 -20.17
C ALA B 66 -2.51 -30.20 -20.53
N TRP B 67 -3.54 -30.56 -21.29
CA TRP B 67 -3.69 -31.97 -21.63
C TRP B 67 -2.99 -32.36 -22.94
N LYS B 68 -3.15 -31.57 -24.01
CA LYS B 68 -2.60 -31.97 -25.30
C LYS B 68 -1.09 -31.90 -25.35
N TYR B 69 -0.46 -31.38 -24.32
CA TYR B 69 0.96 -31.17 -24.32
C TYR B 69 1.55 -31.59 -22.99
N ARG B 70 0.88 -32.55 -22.37
CA ARG B 70 1.46 -33.20 -21.20
C ARG B 70 2.68 -34.00 -21.61
N ALA B 71 3.72 -33.92 -20.78
CA ALA B 71 4.97 -34.59 -21.12
C ALA B 71 4.73 -36.03 -21.56
N SER B 72 3.73 -36.69 -20.96
CA SER B 72 3.46 -38.09 -21.25
C SER B 72 2.98 -38.30 -22.67
N ASN B 73 2.52 -37.27 -23.35
CA ASN B 73 2.03 -37.45 -24.71
C ASN B 73 3.20 -37.69 -25.65
N LYS B 74 2.93 -38.34 -26.78
CA LYS B 74 3.97 -38.55 -27.78
C LYS B 74 3.65 -37.89 -29.12
N ASP B 75 2.48 -38.17 -29.69
CA ASP B 75 2.13 -37.65 -31.00
C ASP B 75 2.27 -36.13 -31.08
N ALA B 76 2.26 -35.42 -29.97
CA ALA B 76 2.31 -33.97 -30.00
C ALA B 76 3.51 -33.50 -30.78
N LYS B 77 3.45 -32.24 -31.23
CA LYS B 77 4.58 -31.59 -31.84
C LYS B 77 5.28 -30.76 -30.77
N TYR B 78 6.43 -31.23 -30.29
CA TYR B 78 7.16 -30.52 -29.27
C TYR B 78 8.19 -29.61 -29.93
N SER B 79 7.95 -28.31 -29.93
CA SER B 79 8.89 -27.36 -30.51
C SER B 79 9.53 -26.68 -29.34
N PRO B 80 10.82 -26.94 -29.09
CA PRO B 80 11.43 -26.31 -27.91
C PRO B 80 11.96 -24.86 -28.04
N ASN B 81 11.91 -24.30 -29.23
CA ASN B 81 12.55 -23.04 -29.56
C ASN B 81 11.61 -22.03 -30.21
N TRP B 82 10.30 -22.28 -30.17
CA TRP B 82 9.29 -21.37 -30.72
C TRP B 82 8.95 -20.35 -29.64
N SER B 83 9.56 -19.18 -29.72
CA SER B 83 9.46 -18.17 -28.68
C SER B 83 8.87 -16.85 -29.15
N HIS B 84 8.59 -16.69 -30.44
CA HIS B 84 8.13 -15.41 -30.95
C HIS B 84 7.42 -15.63 -32.29
N SER B 85 6.12 -15.41 -32.30
CA SER B 85 5.32 -15.32 -33.52
C SER B 85 4.59 -13.99 -33.50
N ASN B 86 4.84 -13.16 -34.52
CA ASN B 86 4.20 -11.86 -34.59
C ASN B 86 2.69 -11.98 -34.79
N LYS B 87 2.23 -13.06 -35.44
CA LYS B 87 0.80 -13.30 -35.55
C LYS B 87 0.15 -13.41 -34.18
N VAL B 88 0.74 -14.21 -33.29
CA VAL B 88 0.14 -14.43 -31.99
C VAL B 88 0.21 -13.15 -31.16
N GLU B 89 1.31 -12.41 -31.26
CA GLU B 89 1.40 -11.14 -30.55
C GLU B 89 0.34 -10.18 -31.05
N ALA B 90 0.19 -10.08 -32.38
CA ALA B 90 -0.83 -9.22 -32.95
C ALA B 90 -2.21 -9.55 -32.38
N VAL B 91 -2.60 -10.82 -32.43
CA VAL B 91 -3.96 -11.17 -32.02
C VAL B 91 -4.11 -11.15 -30.52
N VAL B 92 -3.00 -11.19 -29.77
CA VAL B 92 -3.08 -11.17 -28.32
C VAL B 92 -3.07 -9.74 -27.81
N TRP B 93 -2.76 -8.79 -28.70
CA TRP B 93 -2.90 -7.36 -28.44
C TRP B 93 -4.19 -6.85 -29.12
N THR B 94 -4.54 -7.32 -30.31
CA THR B 94 -5.76 -6.89 -31.02
C THR B 94 -7.14 -7.14 -30.39
N VAL B 95 -7.40 -8.26 -29.74
CA VAL B 95 -8.73 -8.44 -29.20
C VAL B 95 -8.94 -7.71 -27.87
N PRO B 96 -7.93 -7.80 -26.95
CA PRO B 96 -8.20 -7.05 -25.72
C PRO B 96 -8.35 -5.53 -25.94
N ILE B 97 -7.64 -4.94 -26.88
CA ILE B 97 -7.75 -3.51 -27.12
C ILE B 97 -9.14 -3.12 -27.60
N LEU B 98 -9.74 -3.98 -28.42
CA LEU B 98 -11.06 -3.71 -28.96
C LEU B 98 -12.12 -3.74 -27.88
N ILE B 99 -12.09 -4.80 -27.09
CA ILE B 99 -13.04 -4.98 -26.01
C ILE B 99 -12.98 -3.81 -25.04
N ILE B 100 -11.77 -3.33 -24.75
CA ILE B 100 -11.68 -2.26 -23.77
C ILE B 100 -12.10 -0.93 -24.38
N ILE B 101 -11.89 -0.73 -25.68
CA ILE B 101 -12.48 0.43 -26.35
C ILE B 101 -13.99 0.45 -26.14
N PHE B 102 -14.64 -0.67 -26.45
CA PHE B 102 -16.10 -0.70 -26.35
C PHE B 102 -16.55 -0.48 -24.91
N LEU B 103 -15.90 -1.15 -23.96
CA LEU B 103 -16.25 -0.95 -22.56
C LEU B 103 -16.03 0.49 -22.13
N ALA B 104 -14.97 1.14 -22.62
CA ALA B 104 -14.67 2.49 -22.18
C ALA B 104 -15.70 3.47 -22.72
N VAL B 105 -16.17 3.26 -23.94
CA VAL B 105 -17.25 4.09 -24.46
C VAL B 105 -18.51 3.90 -23.63
N LEU B 106 -18.88 2.64 -23.38
CA LEU B 106 -20.04 2.37 -22.54
C LEU B 106 -19.89 3.02 -21.16
N THR B 107 -18.67 3.06 -20.64
CA THR B 107 -18.46 3.57 -19.28
C THR B 107 -18.59 5.08 -19.25
N TRP B 108 -18.01 5.76 -20.24
CA TRP B 108 -18.24 7.19 -20.36
C TRP B 108 -19.73 7.49 -20.37
N LYS B 109 -20.45 6.85 -21.29
CA LYS B 109 -21.87 7.19 -21.47
C LYS B 109 -22.66 6.91 -20.21
N THR B 110 -22.52 5.70 -19.65
CA THR B 110 -23.31 5.35 -18.49
C THR B 110 -22.95 6.20 -17.28
N THR B 111 -21.66 6.46 -17.07
CA THR B 111 -21.28 7.27 -15.92
C THR B 111 -21.92 8.64 -16.00
N HIS B 112 -21.96 9.22 -17.21
CA HIS B 112 -22.65 10.49 -17.34
C HIS B 112 -24.15 10.35 -17.21
N ALA B 113 -24.70 9.15 -17.43
CA ALA B 113 -26.14 8.95 -17.45
C ALA B 113 -26.70 8.47 -16.11
N LEU B 114 -25.87 8.22 -15.10
CA LEU B 114 -26.38 7.75 -13.82
C LEU B 114 -25.69 8.42 -12.64
N GLU B 115 -25.29 9.66 -12.79
CA GLU B 115 -24.68 10.34 -11.65
C GLU B 115 -25.73 10.51 -10.55
N PRO B 116 -25.45 10.07 -9.32
CA PRO B 116 -26.48 10.18 -8.27
C PRO B 116 -26.99 11.60 -8.13
N SER B 117 -26.16 12.58 -8.43
CA SER B 117 -26.55 13.99 -8.41
C SER B 117 -26.93 14.39 -9.84
N LYS B 118 -28.14 14.05 -10.21
CA LYS B 118 -28.69 14.39 -11.50
C LYS B 118 -30.19 14.17 -11.46
N PRO B 119 -31.01 15.18 -11.77
CA PRO B 119 -32.46 14.98 -11.71
C PRO B 119 -32.92 13.88 -12.65
N LEU B 120 -34.12 13.37 -12.36
CA LEU B 120 -34.75 12.35 -13.18
C LEU B 120 -35.81 12.99 -14.05
N ALA B 121 -35.87 12.55 -15.30
CA ALA B 121 -36.76 13.17 -16.29
C ALA B 121 -38.12 12.48 -16.26
N HIS B 122 -39.05 13.12 -15.57
CA HIS B 122 -40.40 12.60 -15.41
C HIS B 122 -41.34 13.69 -14.95
N ASP B 123 -42.61 13.58 -15.35
CA ASP B 123 -43.60 14.65 -15.14
C ASP B 123 -44.23 14.51 -13.76
N GLU B 124 -43.54 15.04 -12.76
CA GLU B 124 -44.03 15.03 -11.39
C GLU B 124 -43.42 16.24 -10.67
N LYS B 125 -43.58 16.25 -9.35
CA LYS B 125 -42.74 17.06 -8.50
C LYS B 125 -42.02 16.14 -7.53
N PRO B 126 -40.69 16.00 -7.61
CA PRO B 126 -40.03 15.02 -6.76
C PRO B 126 -40.33 15.26 -5.29
N ILE B 127 -40.44 14.18 -4.54
CA ILE B 127 -40.54 14.26 -3.09
C ILE B 127 -39.14 14.35 -2.51
N THR B 128 -38.91 15.38 -1.72
CA THR B 128 -37.60 15.59 -1.10
C THR B 128 -37.58 14.94 0.26
N ILE B 129 -36.58 14.09 0.50
CA ILE B 129 -36.35 13.48 1.80
C ILE B 129 -34.94 13.84 2.23
N GLU B 130 -34.77 14.06 3.53
CA GLU B 130 -33.48 14.41 4.10
C GLU B 130 -33.04 13.28 5.02
N VAL B 131 -31.79 12.87 4.88
CA VAL B 131 -31.29 11.62 5.43
C VAL B 131 -30.14 11.97 6.34
N VAL B 132 -30.24 11.62 7.62
CA VAL B 132 -29.20 11.90 8.59
C VAL B 132 -28.75 10.60 9.21
N SER B 133 -27.44 10.37 9.19
CA SER B 133 -26.88 9.13 9.70
C SER B 133 -26.50 9.32 11.16
N MET B 134 -27.46 9.08 12.06
CA MET B 134 -27.26 9.17 13.49
C MET B 134 -26.49 7.93 13.93
N ASP B 135 -26.06 7.89 15.20
CA ASP B 135 -25.02 6.93 15.62
C ASP B 135 -25.13 5.53 15.12
N TRP B 136 -26.28 4.85 15.25
CA TRP B 136 -26.54 3.53 14.60
C TRP B 136 -28.03 3.47 14.16
N LYS B 137 -28.50 4.59 13.59
CA LYS B 137 -29.88 4.85 13.18
C LYS B 137 -29.97 5.74 11.89
N TRP B 138 -31.03 5.60 11.10
CA TRP B 138 -31.33 6.47 9.97
C TRP B 138 -32.44 7.42 10.38
N PHE B 139 -32.17 8.72 10.29
CA PHE B 139 -33.16 9.76 10.52
C PHE B 139 -33.65 10.27 9.17
N PHE B 140 -34.96 10.44 9.06
CA PHE B 140 -35.56 10.91 7.82
C PHE B 140 -36.42 12.12 8.13
N ILE B 141 -36.28 13.17 7.33
CA ILE B 141 -37.09 14.37 7.45
C ILE B 141 -37.82 14.61 6.15
N TYR B 142 -39.14 14.76 6.23
CA TYR B 142 -39.94 15.29 5.15
C TYR B 142 -40.17 16.75 5.48
N PRO B 143 -39.48 17.70 4.80
CA PRO B 143 -39.66 19.12 5.11
C PRO B 143 -40.94 19.69 4.55
N GLU B 144 -41.24 19.35 3.30
CA GLU B 144 -42.48 19.76 2.65
C GLU B 144 -43.70 19.19 3.35
N GLN B 145 -43.52 18.21 4.24
CA GLN B 145 -44.62 17.62 5.00
C GLN B 145 -44.52 17.90 6.48
N GLY B 146 -43.38 18.38 6.95
CA GLY B 146 -43.23 18.71 8.36
C GLY B 146 -43.22 17.53 9.29
N ILE B 147 -42.61 16.41 8.88
CA ILE B 147 -42.55 15.23 9.73
C ILE B 147 -41.16 14.62 9.65
N ALA B 148 -40.89 13.71 10.57
CA ALA B 148 -39.66 12.93 10.51
C ALA B 148 -39.92 11.54 11.07
N THR B 149 -39.15 10.58 10.59
CA THR B 149 -39.35 9.24 11.02
C THR B 149 -38.03 8.64 11.30
N VAL B 150 -38.01 7.70 12.20
CA VAL B 150 -36.78 7.00 12.50
C VAL B 150 -36.88 5.61 11.90
N ASN B 151 -35.86 5.25 11.15
CA ASN B 151 -35.73 3.96 10.52
C ASN B 151 -36.82 3.43 9.58
N GLU B 152 -37.52 4.33 8.89
CA GLU B 152 -38.59 3.97 7.95
C GLU B 152 -39.03 5.18 7.12
N ILE B 153 -39.17 5.00 5.82
CA ILE B 153 -39.61 6.03 4.88
C ILE B 153 -40.65 5.44 3.93
N ALA B 154 -41.35 6.32 3.22
CA ALA B 154 -42.36 5.91 2.26
C ALA B 154 -42.53 6.98 1.20
N PHE B 155 -42.92 6.56 0.00
CA PHE B 155 -43.04 7.47 -1.13
C PHE B 155 -43.81 6.79 -2.25
N PRO B 156 -44.69 7.48 -2.97
CA PRO B 156 -45.50 6.79 -3.98
C PRO B 156 -44.62 6.26 -5.11
N ALA B 157 -44.92 5.02 -5.51
CA ALA B 157 -44.25 4.46 -6.67
C ALA B 157 -44.49 5.31 -7.91
N ASN B 158 -43.56 5.24 -8.84
CA ASN B 158 -43.62 6.01 -10.09
C ASN B 158 -43.53 7.50 -9.83
N THR B 159 -42.72 7.89 -8.86
CA THR B 159 -42.52 9.30 -8.55
C THR B 159 -41.08 9.52 -8.12
N PRO B 160 -40.35 10.41 -8.78
CA PRO B 160 -38.95 10.65 -8.39
C PRO B 160 -38.82 11.03 -6.93
N VAL B 161 -37.83 10.43 -6.27
CA VAL B 161 -37.50 10.75 -4.88
C VAL B 161 -36.10 11.34 -4.87
N TYR B 162 -35.99 12.53 -4.29
CA TYR B 162 -34.75 13.29 -4.22
C TYR B 162 -34.23 13.22 -2.78
N PHE B 163 -33.14 12.49 -2.58
CA PHE B 163 -32.54 12.29 -1.28
C PHE B 163 -31.39 13.28 -1.09
N LYS B 164 -31.46 14.06 -0.02
CA LYS B 164 -30.32 14.81 0.48
C LYS B 164 -29.79 14.04 1.68
N VAL B 165 -28.47 13.98 1.83
CA VAL B 165 -27.84 13.02 2.74
C VAL B 165 -26.71 13.69 3.49
N THR B 166 -26.65 13.51 4.82
CA THR B 166 -25.59 14.04 5.66
C THR B 166 -25.37 13.06 6.79
N SER B 167 -24.18 13.03 7.36
CA SER B 167 -23.88 12.13 8.47
C SER B 167 -23.78 12.94 9.72
N ASN B 168 -24.44 12.55 10.80
CA ASN B 168 -24.29 13.29 12.04
C ASN B 168 -23.11 12.75 12.80
N SER B 169 -22.59 11.58 12.45
CA SER B 169 -21.49 11.07 13.25
C SER B 169 -20.18 10.63 12.53
N VAL B 170 -20.21 9.48 11.87
CA VAL B 170 -19.04 8.92 11.21
C VAL B 170 -19.48 8.43 9.86
N MET B 171 -18.53 8.29 8.95
CA MET B 171 -18.84 7.91 7.59
C MET B 171 -19.79 6.70 7.37
N ASN B 172 -21.01 6.95 6.89
CA ASN B 172 -21.92 5.86 6.56
C ASN B 172 -22.17 5.85 5.06
N SER B 173 -23.01 4.93 4.60
CA SER B 173 -23.38 4.86 3.19
C SER B 173 -24.84 4.47 3.08
N PHE B 174 -25.66 5.38 2.60
CA PHE B 174 -27.08 5.13 2.41
C PHE B 174 -27.28 4.26 1.18
N PHE B 175 -28.00 3.14 1.33
CA PHE B 175 -28.18 2.26 0.19
C PHE B 175 -29.51 1.51 0.27
N ILE B 176 -30.29 1.57 -0.79
CA ILE B 176 -31.46 0.71 -0.96
C ILE B 176 -31.22 -0.21 -2.14
N PRO B 177 -30.73 -1.43 -1.91
CA PRO B 177 -30.21 -2.24 -3.04
C PRO B 177 -31.19 -2.48 -4.17
N ARG B 178 -32.42 -2.91 -3.88
CA ARG B 178 -33.27 -3.31 -4.98
C ARG B 178 -33.83 -2.11 -5.75
N LEU B 179 -33.47 -0.90 -5.36
CA LEU B 179 -33.98 0.27 -6.06
C LEU B 179 -32.94 0.96 -6.92
N GLY B 180 -31.70 1.01 -6.49
CA GLY B 180 -30.73 1.69 -7.31
C GLY B 180 -29.31 1.79 -6.79
N SER B 181 -28.78 3.00 -6.63
CA SER B 181 -27.41 3.18 -6.24
C SER B 181 -27.26 3.60 -4.82
N GLN B 182 -26.06 3.38 -4.27
CA GLN B 182 -25.73 3.84 -2.93
C GLN B 182 -25.02 5.17 -3.02
N ILE B 183 -24.87 5.82 -1.87
CA ILE B 183 -24.12 7.06 -1.82
C ILE B 183 -23.61 7.26 -0.40
N TYR B 184 -22.43 7.84 -0.27
CA TYR B 184 -21.77 8.00 1.00
C TYR B 184 -22.43 9.12 1.80
N ALA B 185 -22.05 9.19 3.08
CA ALA B 185 -22.64 10.16 4.01
C ALA B 185 -21.53 10.59 4.96
N MET B 186 -21.17 11.86 4.87
CA MET B 186 -20.10 12.49 5.64
C MET B 186 -20.69 13.58 6.52
N ALA B 187 -20.05 13.81 7.66
CA ALA B 187 -20.51 14.84 8.58
C ALA B 187 -19.99 16.19 8.14
N GLY B 188 -20.89 17.16 8.06
CA GLY B 188 -20.52 18.48 7.60
C GLY B 188 -20.60 18.68 6.11
N MET B 189 -21.25 17.77 5.40
CA MET B 189 -21.38 17.86 3.95
C MET B 189 -22.74 17.33 3.56
N GLN B 190 -23.20 17.77 2.40
CA GLN B 190 -24.45 17.31 1.82
C GLN B 190 -24.17 16.51 0.57
N THR B 191 -24.97 15.47 0.35
CA THR B 191 -24.87 14.62 -0.84
C THR B 191 -26.25 14.43 -1.45
N ARG B 192 -26.28 14.09 -2.72
CA ARG B 192 -27.52 14.05 -3.49
C ARG B 192 -27.69 12.71 -4.19
N LEU B 193 -28.89 12.16 -4.12
CA LEU B 193 -29.24 10.93 -4.80
C LEU B 193 -30.65 11.04 -5.36
N HIS B 194 -30.92 10.35 -6.46
CA HIS B 194 -32.24 10.34 -7.09
C HIS B 194 -32.62 8.90 -7.38
N LEU B 195 -33.77 8.48 -6.85
CA LEU B 195 -34.21 7.11 -7.11
C LEU B 195 -35.70 7.11 -7.42
N ILE B 196 -36.16 5.96 -7.93
CA ILE B 196 -37.55 5.79 -8.32
C ILE B 196 -37.90 4.30 -8.20
N ALA B 197 -39.16 4.02 -7.90
CA ALA B 197 -39.64 2.65 -7.75
C ALA B 197 -40.69 2.35 -8.82
N ASN B 198 -40.50 1.23 -9.53
CA ASN B 198 -41.41 0.88 -10.60
C ASN B 198 -42.60 0.04 -10.14
N GLU B 199 -42.53 -0.52 -8.95
CA GLU B 199 -43.59 -1.36 -8.41
C GLU B 199 -43.77 -1.16 -6.91
N PRO B 200 -45.02 -1.07 -6.45
CA PRO B 200 -45.29 -0.87 -5.03
C PRO B 200 -44.88 -2.06 -4.17
N GLY B 201 -44.25 -1.79 -3.04
CA GLY B 201 -43.81 -2.82 -2.12
C GLY B 201 -42.89 -2.26 -1.06
N THR B 202 -42.33 -3.14 -0.23
CA THR B 202 -41.43 -2.72 0.83
C THR B 202 -40.02 -3.20 0.49
N TYR B 203 -39.05 -2.30 0.57
CA TYR B 203 -37.67 -2.63 0.25
C TYR B 203 -36.73 -2.36 1.41
N ASP B 204 -35.75 -3.24 1.58
CA ASP B 204 -34.79 -3.11 2.67
C ASP B 204 -33.66 -2.17 2.27
N GLY B 205 -33.30 -1.27 3.17
CA GLY B 205 -32.14 -0.43 2.96
C GLY B 205 -31.25 -0.50 4.18
N ILE B 206 -29.96 -0.27 3.94
CA ILE B 206 -28.94 -0.47 4.96
C ILE B 206 -27.83 0.55 4.79
N SER B 207 -26.94 0.58 5.78
CA SER B 207 -25.72 1.37 5.74
C SER B 207 -24.58 0.48 5.26
N ALA B 208 -23.98 0.86 4.14
CA ALA B 208 -22.95 0.06 3.48
C ALA B 208 -21.55 0.60 3.76
N SER B 209 -21.32 1.18 4.92
CA SER B 209 -19.97 1.53 5.36
C SER B 209 -19.91 1.36 6.86
N TYR B 210 -18.95 0.57 7.33
CA TYR B 210 -18.85 0.30 8.75
C TYR B 210 -18.75 1.61 9.53
N SER B 211 -19.41 1.66 10.68
CA SER B 211 -19.52 2.87 11.47
C SER B 211 -19.48 2.57 12.95
N GLY B 212 -18.72 1.58 13.45
CA GLY B 212 -18.71 1.33 14.87
C GLY B 212 -19.54 0.17 15.39
N PRO B 213 -19.80 0.13 16.72
CA PRO B 213 -20.49 -0.99 17.37
C PRO B 213 -21.87 -1.46 16.93
N GLY B 214 -22.85 -0.61 16.61
CA GLY B 214 -24.17 -1.11 16.21
C GLY B 214 -24.50 -0.98 14.74
N PHE B 215 -23.55 -1.34 13.91
CA PHE B 215 -23.61 -1.24 12.46
C PHE B 215 -24.52 -2.29 11.87
N SER B 216 -24.76 -3.38 12.61
CA SER B 216 -25.66 -4.42 12.14
C SER B 216 -27.12 -4.03 12.26
N GLY B 217 -27.44 -3.06 13.10
CA GLY B 217 -28.80 -2.61 13.28
C GLY B 217 -29.21 -1.44 12.42
N MET B 218 -28.34 -0.95 11.54
CA MET B 218 -28.68 0.15 10.66
C MET B 218 -29.48 -0.34 9.46
N LYS B 219 -30.58 -1.03 9.76
CA LYS B 219 -31.53 -1.48 8.74
C LYS B 219 -32.78 -0.63 8.83
N PHE B 220 -33.25 -0.16 7.68
CA PHE B 220 -34.49 0.59 7.58
C PHE B 220 -35.34 0.01 6.47
N LYS B 221 -36.63 0.31 6.53
CA LYS B 221 -37.59 -0.18 5.56
C LYS B 221 -38.19 0.99 4.79
N ALA B 222 -38.16 0.91 3.46
CA ALA B 222 -38.68 1.94 2.58
C ALA B 222 -39.89 1.38 1.85
N ILE B 223 -41.00 2.08 1.93
CA ILE B 223 -42.26 1.64 1.33
C ILE B 223 -42.48 2.39 0.02
N ALA B 224 -43.07 1.71 -0.95
CA ALA B 224 -43.56 2.32 -2.18
C ALA B 224 -45.05 2.07 -2.21
N THR B 225 -45.81 3.06 -1.75
CA THR B 225 -47.25 2.93 -1.68
C THR B 225 -47.83 2.86 -3.09
N PRO B 226 -48.93 2.15 -3.28
CA PRO B 226 -49.49 2.02 -4.63
C PRO B 226 -49.96 3.36 -5.18
N ASP B 227 -50.69 4.09 -4.37
CA ASP B 227 -51.36 5.31 -4.74
C ASP B 227 -50.69 6.50 -4.06
N ARG B 228 -51.13 7.71 -4.44
CA ARG B 228 -50.81 8.89 -3.65
C ARG B 228 -51.67 8.96 -2.41
N ALA B 229 -52.87 8.39 -2.46
CA ALA B 229 -53.73 8.35 -1.28
C ALA B 229 -53.01 7.73 -0.10
N ALA B 230 -52.67 6.44 -0.20
CA ALA B 230 -51.97 5.78 0.91
C ALA B 230 -50.79 6.59 1.41
N PHE B 231 -50.08 7.27 0.51
CA PHE B 231 -48.99 8.13 0.96
C PHE B 231 -49.50 9.22 1.87
N ASP B 232 -50.59 9.88 1.45
CA ASP B 232 -51.19 10.92 2.28
C ASP B 232 -51.67 10.35 3.60
N GLN B 233 -52.07 9.08 3.62
CA GLN B 233 -52.51 8.43 4.84
C GLN B 233 -51.35 8.17 5.79
N TRP B 234 -50.20 7.80 5.24
CA TRP B 234 -49.00 7.58 6.06
C TRP B 234 -48.49 8.89 6.62
N VAL B 235 -48.55 9.96 5.83
CA VAL B 235 -48.24 11.28 6.36
C VAL B 235 -49.23 11.64 7.46
N ALA B 236 -50.52 11.39 7.22
CA ALA B 236 -51.53 11.61 8.25
C ALA B 236 -51.18 10.86 9.52
N LYS B 237 -50.77 9.61 9.39
CA LYS B 237 -50.41 8.82 10.56
C LYS B 237 -49.28 9.50 11.33
N ALA B 238 -48.17 9.78 10.65
CA ALA B 238 -47.05 10.44 11.30
C ALA B 238 -47.48 11.74 11.98
N LYS B 239 -48.38 12.49 11.34
CA LYS B 239 -48.83 13.76 11.87
C LYS B 239 -49.42 13.65 13.26
N GLN B 240 -49.72 12.44 13.76
CA GLN B 240 -50.42 12.27 15.02
C GLN B 240 -49.51 11.79 16.14
N SER B 241 -48.20 11.89 16.00
CA SER B 241 -47.34 11.33 17.03
C SER B 241 -47.32 12.21 18.27
N PRO B 242 -47.08 11.64 19.45
CA PRO B 242 -46.93 12.47 20.65
C PRO B 242 -45.59 13.17 20.78
N ASN B 243 -44.67 12.96 19.86
CA ASN B 243 -43.35 13.52 19.92
C ASN B 243 -43.20 14.60 18.85
N THR B 244 -42.04 15.25 18.86
CA THR B 244 -41.80 16.48 18.10
C THR B 244 -40.29 16.74 18.09
N MET B 245 -39.79 17.19 16.95
CA MET B 245 -38.39 17.55 16.81
C MET B 245 -38.36 19.01 16.41
N SER B 246 -38.40 19.90 17.41
CA SER B 246 -38.46 21.33 17.20
C SER B 246 -37.22 22.06 17.70
N ASP B 247 -36.78 21.79 18.92
CA ASP B 247 -35.49 22.28 19.37
C ASP B 247 -34.38 21.38 18.86
N MET B 248 -33.20 21.96 18.65
CA MET B 248 -32.01 21.14 18.46
C MET B 248 -31.73 20.29 19.70
N ALA B 249 -32.35 20.63 20.83
CA ALA B 249 -32.27 19.79 22.01
C ALA B 249 -32.82 18.39 21.74
N ALA B 250 -33.96 18.29 21.07
CA ALA B 250 -34.54 16.97 20.80
C ALA B 250 -33.70 16.18 19.80
N PHE B 251 -33.12 16.87 18.82
CA PHE B 251 -32.16 16.21 17.93
C PHE B 251 -31.03 15.60 18.72
N GLU B 252 -30.44 16.39 19.63
CA GLU B 252 -29.32 15.88 20.40
C GLU B 252 -29.77 14.84 21.42
N LYS B 253 -31.03 14.89 21.80
CA LYS B 253 -31.58 13.89 22.71
C LYS B 253 -31.67 12.53 22.00
N LEU B 254 -32.23 12.53 20.78
CA LEU B 254 -32.37 11.36 19.94
C LEU B 254 -31.07 10.78 19.39
N ALA B 255 -30.12 11.68 19.06
CA ALA B 255 -28.81 11.30 18.51
C ALA B 255 -27.84 10.60 19.50
N ALA B 256 -28.18 10.60 20.80
CA ALA B 256 -27.48 9.85 21.84
C ALA B 256 -27.25 8.38 21.39
N PRO B 257 -26.03 7.82 21.63
CA PRO B 257 -25.75 6.46 21.11
C PRO B 257 -26.78 5.40 21.53
N SER B 258 -27.24 4.61 20.55
CA SER B 258 -28.28 3.64 20.76
C SER B 258 -28.22 2.59 19.66
N GLU B 259 -29.01 1.52 19.78
CA GLU B 259 -28.96 0.42 18.83
C GLU B 259 -30.30 -0.27 18.47
N TYR B 260 -30.48 -0.75 17.23
CA TYR B 260 -31.68 -1.47 16.82
C TYR B 260 -32.94 -0.69 17.18
N ASN B 261 -32.91 0.61 16.90
CA ASN B 261 -34.01 1.48 17.27
C ASN B 261 -35.32 1.01 16.63
N GLN B 262 -36.40 1.15 17.38
CA GLN B 262 -37.72 0.89 16.86
C GLN B 262 -38.17 2.04 15.97
N VAL B 263 -39.03 1.73 15.00
CA VAL B 263 -39.43 2.73 14.03
C VAL B 263 -40.28 3.77 14.72
N GLU B 264 -39.91 5.04 14.56
CA GLU B 264 -40.52 6.13 15.32
C GLU B 264 -41.02 7.22 14.38
N TYR B 265 -42.07 7.93 14.80
CA TYR B 265 -42.66 9.03 14.06
C TYR B 265 -42.58 10.30 14.91
N PHE B 266 -42.54 11.46 14.24
CA PHE B 266 -42.48 12.74 14.92
C PHE B 266 -43.42 13.74 14.25
N SER B 267 -44.16 14.49 15.08
CA SER B 267 -45.25 15.33 14.58
C SER B 267 -44.74 16.63 13.97
N ASN B 268 -43.94 17.38 14.72
CA ASN B 268 -43.48 18.70 14.32
C ASN B 268 -41.98 18.66 14.05
N VAL B 269 -41.52 19.59 13.21
CA VAL B 269 -40.13 19.58 12.80
C VAL B 269 -39.64 21.01 12.61
N LYS B 270 -38.59 21.40 13.36
CA LYS B 270 -37.90 22.66 13.14
C LYS B 270 -37.71 22.83 11.64
N PRO B 271 -38.24 23.92 11.04
CA PRO B 271 -38.30 23.98 9.58
C PRO B 271 -37.01 23.61 8.87
N ASP B 272 -35.91 24.29 9.15
CA ASP B 272 -34.65 24.07 8.45
C ASP B 272 -33.63 23.41 9.36
N LEU B 273 -33.95 22.18 9.80
CA LEU B 273 -33.13 21.44 10.74
C LEU B 273 -31.99 20.68 10.07
N PHE B 274 -32.20 20.19 8.85
CA PHE B 274 -31.11 19.57 8.10
C PHE B 274 -29.93 20.51 7.96
N ALA B 275 -30.21 21.74 7.51
CA ALA B 275 -29.17 22.75 7.41
C ALA B 275 -28.51 23.00 8.76
N ASP B 276 -29.29 22.99 9.85
CA ASP B 276 -28.71 23.28 11.16
C ASP B 276 -27.74 22.19 11.58
N VAL B 277 -28.13 20.94 11.37
CA VAL B 277 -27.21 19.83 11.59
C VAL B 277 -25.93 20.06 10.80
N ILE B 278 -26.04 20.17 9.48
CA ILE B 278 -24.83 20.37 8.67
C ILE B 278 -23.99 21.50 9.24
N ASN B 279 -24.65 22.55 9.74
CA ASN B 279 -23.94 23.69 10.31
C ASN B 279 -23.28 23.35 11.62
N LYS B 280 -23.66 22.25 12.27
CA LYS B 280 -22.94 21.86 13.49
C LYS B 280 -21.44 21.70 13.23
N PHE B 281 -21.08 21.46 11.97
CA PHE B 281 -19.70 21.28 11.54
C PHE B 281 -19.19 22.37 10.59
N MET B 282 -19.95 23.46 10.47
CA MET B 282 -19.62 24.64 9.67
C MET B 282 -19.25 24.59 8.18
N ALA B 283 -20.13 24.08 7.33
CA ALA B 283 -19.89 24.12 5.89
C ALA B 283 -20.72 25.28 5.28
N HIS B 284 -20.21 26.01 4.26
CA HIS B 284 -20.84 27.05 3.46
C HIS B 284 -20.03 27.43 2.21
N GLY B 285 -20.72 27.92 1.19
CA GLY B 285 -20.10 28.28 -0.06
C GLY B 285 -20.87 27.68 -1.24
N HIS C 19 36.78 -2.55 -7.01
CA HIS C 19 35.72 -2.31 -6.03
C HIS C 19 35.51 -0.81 -5.80
N ASP C 20 34.32 -0.32 -6.14
CA ASP C 20 33.97 1.10 -5.97
C ASP C 20 32.58 1.16 -5.33
N ALA C 21 32.56 1.14 -3.99
CA ALA C 21 31.29 1.09 -3.27
C ALA C 21 30.71 2.47 -3.04
N GLY C 22 31.54 3.51 -3.04
CA GLY C 22 31.03 4.86 -2.90
C GLY C 22 30.04 5.22 -3.99
N GLY C 23 30.27 4.73 -5.21
CA GLY C 23 29.36 5.03 -6.29
C GLY C 23 27.96 4.53 -6.02
N THR C 24 27.85 3.25 -5.64
CA THR C 24 26.53 2.69 -5.34
C THR C 24 25.94 3.32 -4.08
N LYS C 25 26.77 3.66 -3.10
CA LYS C 25 26.25 4.37 -1.93
C LYS C 25 25.60 5.69 -2.33
N ILE C 26 26.25 6.44 -3.22
CA ILE C 26 25.75 7.74 -3.62
C ILE C 26 24.50 7.58 -4.49
N PHE C 27 24.47 6.56 -5.34
CA PHE C 27 23.27 6.31 -6.13
C PHE C 27 22.09 5.97 -5.24
N GLY C 28 22.31 5.11 -4.24
CA GLY C 28 21.25 4.77 -3.32
C GLY C 28 20.75 5.96 -2.53
N PHE C 29 21.67 6.85 -2.14
CA PHE C 29 21.23 8.06 -1.46
C PHE C 29 20.40 8.94 -2.39
N TRP C 30 20.77 9.02 -3.67
CA TRP C 30 19.93 9.72 -4.63
C TRP C 30 18.51 9.15 -4.66
N ILE C 31 18.40 7.81 -4.67
CA ILE C 31 17.07 7.22 -4.74
C ILE C 31 16.28 7.50 -3.45
N TYR C 32 16.96 7.48 -2.31
CA TYR C 32 16.28 7.85 -1.08
C TYR C 32 15.80 9.29 -1.15
N LEU C 33 16.60 10.18 -1.72
CA LEU C 33 16.18 11.58 -1.84
C LEU C 33 14.98 11.72 -2.75
N MET C 34 14.87 10.87 -3.77
CA MET C 34 13.66 10.90 -4.58
C MET C 34 12.45 10.46 -3.76
N SER C 35 12.61 9.40 -2.98
CA SER C 35 11.57 9.00 -2.04
C SER C 35 11.15 10.17 -1.15
N ASP C 36 12.14 10.93 -0.70
CA ASP C 36 11.86 12.09 0.15
C ASP C 36 11.09 13.16 -0.62
N CYS C 37 11.45 13.41 -1.89
CA CYS C 37 10.68 14.35 -2.69
C CYS C 37 9.21 13.95 -2.73
N ILE C 38 8.94 12.65 -2.82
CA ILE C 38 7.55 12.20 -2.79
C ILE C 38 6.92 12.50 -1.42
N LEU C 39 7.62 12.13 -0.36
CA LEU C 39 7.16 12.43 0.99
C LEU C 39 6.76 13.89 1.12
N PHE C 40 7.54 14.79 0.52
CA PHE C 40 7.26 16.22 0.65
C PHE C 40 6.12 16.66 -0.25
N SER C 41 6.04 16.13 -1.47
CA SER C 41 4.95 16.50 -2.35
C SER C 41 3.61 16.16 -1.74
N ILE C 42 3.55 15.10 -0.94
CA ILE C 42 2.26 14.77 -0.33
C ILE C 42 1.84 15.87 0.65
N LEU C 43 2.78 16.37 1.47
CA LEU C 43 2.44 17.46 2.37
C LEU C 43 2.15 18.75 1.62
N PHE C 44 2.78 18.96 0.46
CA PHE C 44 2.45 20.11 -0.36
C PHE C 44 1.00 20.04 -0.82
N ALA C 45 0.59 18.86 -1.31
CA ALA C 45 -0.80 18.69 -1.73
C ALA C 45 -1.74 18.88 -0.56
N THR C 46 -1.33 18.46 0.63
CA THR C 46 -2.14 18.67 1.81
C THR C 46 -2.34 20.15 2.09
N TYR C 47 -1.24 20.90 2.17
CA TYR C 47 -1.36 22.34 2.38
C TYR C 47 -2.21 22.99 1.31
N ALA C 48 -2.16 22.47 0.09
CA ALA C 48 -3.03 23.00 -0.96
C ALA C 48 -4.50 22.76 -0.64
N VAL C 49 -4.85 21.55 -0.20
CA VAL C 49 -6.26 21.21 -0.06
C VAL C 49 -6.90 21.81 1.19
N LEU C 50 -6.10 22.18 2.20
CA LEU C 50 -6.64 22.78 3.42
C LEU C 50 -6.15 24.20 3.64
N VAL C 51 -5.68 24.89 2.59
CA VAL C 51 -5.07 26.20 2.78
C VAL C 51 -6.09 27.19 3.32
N ASN C 52 -7.24 27.32 2.66
CA ASN C 52 -8.29 28.21 3.12
C ASN C 52 -9.19 27.54 4.14
N GLY C 53 -8.75 26.43 4.72
CA GLY C 53 -9.54 25.71 5.68
C GLY C 53 -9.36 26.24 7.08
N THR C 54 -9.24 27.54 7.22
CA THR C 54 -9.27 28.14 8.54
C THR C 54 -10.69 28.09 9.10
N ALA C 55 -10.78 28.21 10.42
CA ALA C 55 -12.04 28.16 11.13
C ALA C 55 -12.15 29.46 11.91
N GLY C 56 -12.50 30.53 11.20
CA GLY C 56 -12.56 31.84 11.82
C GLY C 56 -11.29 32.14 12.59
N GLY C 57 -10.16 32.09 11.91
CA GLY C 57 -8.89 32.31 12.54
C GLY C 57 -7.96 33.07 11.61
N PRO C 58 -6.66 33.09 11.95
CA PRO C 58 -5.77 33.81 11.05
C PRO C 58 -5.57 33.10 9.73
N THR C 59 -5.16 33.88 8.73
CA THR C 59 -4.90 33.39 7.40
C THR C 59 -3.43 33.66 7.09
N GLY C 60 -2.94 33.16 5.96
CA GLY C 60 -1.54 33.33 5.60
C GLY C 60 -1.12 34.78 5.52
N LYS C 61 -1.99 35.62 4.98
CA LYS C 61 -1.77 37.06 4.88
C LYS C 61 -1.69 37.79 6.24
N ASP C 62 -2.25 37.24 7.30
CA ASP C 62 -2.23 37.90 8.62
C ASP C 62 -1.12 37.50 9.64
N ILE C 63 -0.33 36.47 9.36
CA ILE C 63 0.67 35.99 10.31
C ILE C 63 2.05 35.93 9.66
N PHE C 64 2.08 35.93 8.33
CA PHE C 64 3.34 35.86 7.60
C PHE C 64 3.94 37.26 7.51
N GLU C 65 5.09 37.46 8.13
CA GLU C 65 5.87 38.66 7.89
C GLU C 65 7.05 38.28 7.00
N LEU C 66 7.14 38.93 5.83
CA LEU C 66 8.00 38.48 4.75
C LEU C 66 9.48 38.72 5.02
N PRO C 67 9.87 39.84 5.65
CA PRO C 67 11.30 40.04 5.91
C PRO C 67 11.96 38.88 6.63
N PHE C 68 11.34 38.42 7.72
CA PHE C 68 11.73 37.18 8.37
C PHE C 68 12.02 36.07 7.37
N VAL C 69 11.05 35.78 6.50
CA VAL C 69 11.16 34.64 5.60
C VAL C 69 12.34 34.83 4.66
N LEU C 70 12.55 36.03 4.16
CA LEU C 70 13.65 36.28 3.24
C LEU C 70 15.00 36.16 3.94
N VAL C 71 15.09 36.57 5.21
CA VAL C 71 16.36 36.40 5.92
C VAL C 71 16.65 34.92 6.17
N GLU C 72 15.62 34.15 6.54
CA GLU C 72 15.78 32.71 6.64
C GLU C 72 16.30 32.13 5.33
N THR C 73 15.68 32.54 4.22
CA THR C 73 16.11 32.08 2.91
C THR C 73 17.59 32.36 2.68
N PHE C 74 18.02 33.59 2.97
CA PHE C 74 19.39 33.95 2.65
C PHE C 74 20.38 33.20 3.53
N LEU C 75 20.02 32.94 4.79
CA LEU C 75 20.87 32.10 5.62
C LEU C 75 21.01 30.70 5.04
N LEU C 76 19.91 30.11 4.58
CA LEU C 76 19.98 28.77 4.00
C LEU C 76 20.80 28.74 2.73
N LEU C 77 20.62 29.77 1.90
CA LEU C 77 21.36 29.88 0.66
C LEU C 77 22.85 29.98 0.92
N PHE C 78 23.20 30.76 1.94
CA PHE C 78 24.59 30.93 2.31
C PHE C 78 25.18 29.60 2.75
N SER C 79 24.38 28.83 3.47
CA SER C 79 24.75 27.52 3.97
C SER C 79 25.04 26.57 2.82
N SER C 80 24.20 26.62 1.81
CA SER C 80 24.37 25.76 0.64
C SER C 80 25.66 26.11 -0.11
N ILE C 81 26.04 27.38 -0.13
CA ILE C 81 27.25 27.83 -0.82
C ILE C 81 28.49 27.41 -0.04
N THR C 82 28.46 27.55 1.28
CA THR C 82 29.60 27.15 2.08
C THR C 82 29.82 25.65 2.02
N TYR C 83 28.76 24.86 1.82
CA TYR C 83 28.97 23.42 1.70
C TYR C 83 29.60 23.07 0.37
N GLY C 84 29.15 23.70 -0.71
CA GLY C 84 29.83 23.54 -1.98
C GLY C 84 31.33 23.80 -1.84
N MET C 85 31.68 24.89 -1.15
CA MET C 85 33.09 25.22 -1.03
C MET C 85 33.82 24.23 -0.14
N ALA C 86 33.15 23.71 0.90
CA ALA C 86 33.72 22.65 1.71
C ALA C 86 34.03 21.42 0.88
N ALA C 87 33.13 21.05 -0.02
CA ALA C 87 33.36 19.89 -0.87
C ALA C 87 34.58 20.12 -1.75
N ILE C 88 34.68 21.31 -2.34
CA ILE C 88 35.85 21.60 -3.15
C ILE C 88 37.12 21.46 -2.33
N ALA C 89 37.12 22.00 -1.11
CA ALA C 89 38.26 21.83 -0.21
C ALA C 89 38.60 20.36 0.01
N MET C 90 37.58 19.51 0.13
CA MET C 90 37.83 18.06 0.11
C MET C 90 38.60 17.66 -1.13
N TYR C 91 38.04 17.95 -2.30
CA TYR C 91 38.67 17.51 -3.55
C TYR C 91 40.06 18.11 -3.76
N LYS C 92 40.48 19.08 -2.95
CA LYS C 92 41.85 19.57 -3.00
C LYS C 92 42.68 19.11 -1.82
N ASN C 93 42.15 18.21 -0.99
CA ASN C 93 42.88 17.50 0.05
C ASN C 93 43.24 18.36 1.26
N ASN C 94 42.49 19.41 1.55
CA ASN C 94 42.68 20.22 2.77
C ASN C 94 41.73 19.73 3.85
N LYS C 95 42.29 19.35 5.00
CA LYS C 95 41.44 18.95 6.13
C LYS C 95 40.87 20.16 6.86
N SER C 96 41.75 21.09 7.26
CA SER C 96 41.27 22.26 8.00
C SER C 96 40.22 23.02 7.20
N GLN C 97 40.42 23.15 5.89
CA GLN C 97 39.45 23.83 5.05
C GLN C 97 38.09 23.16 5.14
N VAL C 98 38.05 21.83 5.06
CA VAL C 98 36.77 21.14 5.09
C VAL C 98 36.09 21.37 6.42
N ILE C 99 36.81 21.17 7.52
CA ILE C 99 36.12 21.32 8.80
C ILE C 99 35.71 22.79 9.01
N SER C 100 36.41 23.74 8.40
CA SER C 100 36.03 25.15 8.52
C SER C 100 34.74 25.45 7.78
N TRP C 101 34.72 25.16 6.48
CA TRP C 101 33.50 25.37 5.71
C TRP C 101 32.34 24.62 6.36
N LEU C 102 32.61 23.48 6.98
CA LEU C 102 31.58 22.71 7.65
C LEU C 102 31.08 23.43 8.89
N ALA C 103 32.00 23.95 9.71
CA ALA C 103 31.60 24.74 10.86
C ALA C 103 30.70 25.90 10.44
N LEU C 104 31.08 26.59 9.37
CA LEU C 104 30.29 27.72 8.93
C LEU C 104 28.90 27.27 8.46
N THR C 105 28.85 26.21 7.67
CA THR C 105 27.56 25.70 7.23
C THR C 105 26.67 25.35 8.40
N TRP C 106 27.24 24.69 9.41
CA TRP C 106 26.45 24.27 10.56
C TRP C 106 25.95 25.49 11.33
N LEU C 107 26.75 26.55 11.40
CA LEU C 107 26.31 27.75 12.11
C LEU C 107 25.18 28.45 11.38
N PHE C 108 25.25 28.54 10.05
CA PHE C 108 24.16 29.14 9.30
C PHE C 108 22.88 28.32 9.42
N GLY C 109 22.99 26.99 9.28
CA GLY C 109 21.81 26.18 9.47
C GLY C 109 21.23 26.30 10.87
N ALA C 110 22.11 26.48 11.86
CA ALA C 110 21.65 26.72 13.21
C ALA C 110 20.86 28.01 13.28
N GLY C 111 21.33 29.05 12.59
CA GLY C 111 20.55 30.28 12.50
C GLY C 111 19.19 30.04 11.88
N PHE C 112 19.14 29.22 10.85
CA PHE C 112 17.87 28.90 10.22
C PHE C 112 16.89 28.32 11.24
N ILE C 113 17.31 27.23 11.90
CA ILE C 113 16.39 26.59 12.84
C ILE C 113 16.10 27.50 14.03
N GLY C 114 17.04 28.37 14.40
CA GLY C 114 16.78 29.28 15.50
C GLY C 114 15.65 30.24 15.19
N MET C 115 15.69 30.84 14.01
CA MET C 115 14.59 31.68 13.59
C MET C 115 13.29 30.89 13.51
N GLU C 116 13.37 29.66 13.00
CA GLU C 116 12.16 28.87 12.85
C GLU C 116 11.51 28.60 14.20
N ILE C 117 12.31 28.24 15.21
CA ILE C 117 11.75 27.92 16.50
C ILE C 117 11.23 29.17 17.18
N TYR C 118 11.93 30.29 17.03
CA TYR C 118 11.41 31.55 17.54
C TYR C 118 10.02 31.84 16.98
N GLU C 119 9.83 31.69 15.67
CA GLU C 119 8.55 32.04 15.07
C GLU C 119 7.46 31.04 15.46
N PHE C 120 7.77 29.74 15.43
CA PHE C 120 6.76 28.76 15.81
C PHE C 120 6.31 28.95 17.26
N HIS C 121 7.24 29.25 18.15
CA HIS C 121 6.86 29.48 19.54
C HIS C 121 6.03 30.74 19.68
N HIS C 122 6.42 31.82 19.00
CA HIS C 122 5.61 33.03 19.03
C HIS C 122 4.20 32.76 18.52
N LEU C 123 4.05 31.77 17.64
CA LEU C 123 2.73 31.41 17.16
C LEU C 123 1.95 30.67 18.23
N ILE C 124 2.50 29.57 18.74
CA ILE C 124 1.71 28.74 19.65
C ILE C 124 1.39 29.49 20.93
N VAL C 125 2.29 30.36 21.38
CA VAL C 125 2.03 31.08 22.63
C VAL C 125 0.95 32.14 22.45
N ASN C 126 0.51 32.38 21.21
CA ASN C 126 -0.63 33.25 20.91
C ASN C 126 -1.80 32.46 20.34
N GLY C 127 -2.05 31.28 20.87
CA GLY C 127 -3.18 30.48 20.46
C GLY C 127 -3.34 30.33 18.97
N MET C 128 -2.25 30.05 18.27
CA MET C 128 -2.28 29.83 16.83
C MET C 128 -1.42 28.63 16.47
N GLY C 129 -1.40 27.63 17.37
CA GLY C 129 -0.72 26.41 17.10
C GLY C 129 -1.51 25.57 16.11
N PRO C 130 -0.97 24.38 15.80
CA PRO C 130 -1.64 23.52 14.82
C PRO C 130 -2.98 23.00 15.30
N ASP C 131 -3.33 23.24 16.56
CA ASP C 131 -4.60 22.83 17.15
C ASP C 131 -5.64 23.95 17.11
N ARG C 132 -5.80 24.62 15.97
CA ARG C 132 -6.77 25.71 15.87
C ARG C 132 -7.46 25.73 14.52
N SER C 133 -6.82 25.21 13.47
CA SER C 133 -7.48 25.09 12.19
C SER C 133 -6.68 24.17 11.28
N GLY C 134 -7.42 23.48 10.41
CA GLY C 134 -6.77 22.63 9.42
C GLY C 134 -5.79 23.37 8.54
N PHE C 135 -5.84 24.70 8.55
CA PHE C 135 -4.82 25.46 7.83
C PHE C 135 -3.54 25.56 8.65
N LEU C 136 -3.63 26.01 9.90
CA LEU C 136 -2.45 26.08 10.73
C LEU C 136 -1.83 24.71 10.94
N SER C 137 -2.65 23.66 10.95
CA SER C 137 -2.10 22.31 11.10
C SER C 137 -1.26 21.92 9.89
N ALA C 138 -1.75 22.17 8.69
CA ALA C 138 -0.95 21.84 7.51
C ALA C 138 0.28 22.72 7.42
N PHE C 139 0.17 23.97 7.84
CA PHE C 139 1.32 24.85 7.83
C PHE C 139 2.42 24.30 8.73
N PHE C 140 2.05 23.92 9.95
CA PHE C 140 3.04 23.34 10.85
C PHE C 140 3.58 22.04 10.30
N ALA C 141 2.72 21.20 9.73
CA ALA C 141 3.20 19.96 9.12
C ALA C 141 4.33 20.24 8.12
N LEU C 142 4.06 21.09 7.13
CA LEU C 142 5.05 21.30 6.07
C LEU C 142 6.32 21.93 6.62
N VAL C 143 6.19 23.04 7.35
CA VAL C 143 7.38 23.77 7.75
C VAL C 143 8.17 22.99 8.80
N GLY C 144 7.48 22.21 9.65
CA GLY C 144 8.18 21.41 10.62
C GLY C 144 8.82 20.17 10.03
N THR C 145 8.27 19.69 8.93
CA THR C 145 8.85 18.55 8.22
C THR C 145 10.18 19.01 7.61
N HIS C 146 10.21 20.23 7.07
CA HIS C 146 11.45 20.78 6.55
C HIS C 146 12.44 21.04 7.67
N GLY C 147 11.98 21.64 8.77
CA GLY C 147 12.89 21.89 9.88
C GLY C 147 13.48 20.64 10.47
N LEU C 148 12.70 19.55 10.47
CA LEU C 148 13.19 18.29 11.01
C LEU C 148 14.27 17.70 10.12
N HIS C 149 14.05 17.70 8.81
CA HIS C 149 15.10 17.29 7.90
C HIS C 149 16.35 18.11 8.12
N VAL C 150 16.20 19.41 8.40
CA VAL C 150 17.37 20.26 8.52
C VAL C 150 18.11 19.97 9.82
N THR C 151 17.40 19.72 10.91
CA THR C 151 18.12 19.43 12.15
C THR C 151 18.75 18.04 12.10
N SER C 152 18.13 17.11 11.37
CA SER C 152 18.78 15.83 11.12
C SER C 152 20.09 16.03 10.38
N GLY C 153 20.06 16.85 9.33
CA GLY C 153 21.27 17.18 8.62
C GLY C 153 22.31 17.84 9.52
N LEU C 154 21.85 18.66 10.46
CA LEU C 154 22.77 19.29 11.42
C LEU C 154 23.49 18.24 12.26
N ILE C 155 22.73 17.26 12.76
CA ILE C 155 23.31 16.18 13.53
C ILE C 155 24.35 15.43 12.68
N TRP C 156 23.93 15.01 11.48
CA TRP C 156 24.83 14.33 10.56
C TRP C 156 26.11 15.13 10.36
N MET C 157 25.99 16.44 10.15
CA MET C 157 27.14 17.26 9.88
C MET C 157 28.10 17.30 11.06
N ALA C 158 27.56 17.37 12.28
CA ALA C 158 28.45 17.41 13.44
C ALA C 158 29.18 16.10 13.65
N VAL C 159 28.46 14.98 13.52
CA VAL C 159 29.12 13.70 13.75
C VAL C 159 30.17 13.48 12.68
N LEU C 160 29.86 13.82 11.43
CA LEU C 160 30.86 13.68 10.39
C LEU C 160 32.03 14.61 10.64
N MET C 161 31.81 15.78 11.21
CA MET C 161 32.93 16.67 11.46
C MET C 161 33.87 16.11 12.52
N VAL C 162 33.33 15.53 13.59
CA VAL C 162 34.25 14.98 14.60
C VAL C 162 34.97 13.75 14.04
N GLN C 163 34.26 12.94 13.23
CA GLN C 163 34.91 11.83 12.57
C GLN C 163 36.04 12.30 11.66
N ILE C 164 35.82 13.39 10.92
CA ILE C 164 36.87 13.92 10.05
C ILE C 164 38.05 14.37 10.89
N ALA C 165 37.78 15.09 11.97
CA ALA C 165 38.87 15.63 12.78
C ALA C 165 39.70 14.54 13.38
N ARG C 166 39.11 13.37 13.63
CA ARG C 166 39.87 12.30 14.28
C ARG C 166 40.35 11.22 13.32
N ARG C 167 39.96 11.24 12.05
CA ARG C 167 40.35 10.20 11.11
C ARG C 167 40.89 10.69 9.78
N GLY C 168 40.77 11.98 9.46
CA GLY C 168 41.29 12.50 8.21
C GLY C 168 40.39 12.18 7.02
N LEU C 169 40.85 12.62 5.85
CA LEU C 169 40.04 12.55 4.64
C LEU C 169 40.17 11.16 4.00
N THR C 170 39.52 10.19 4.65
CA THR C 170 39.59 8.80 4.22
C THR C 170 38.54 8.53 3.14
N SER C 171 38.38 7.25 2.81
CA SER C 171 37.40 6.86 1.81
C SER C 171 35.98 7.03 2.33
N THR C 172 35.68 6.40 3.45
CA THR C 172 34.36 6.50 4.05
C THR C 172 33.95 7.96 4.22
N ASN C 173 34.86 8.78 4.75
CA ASN C 173 34.52 10.17 5.00
C ASN C 173 34.19 10.90 3.71
N ARG C 174 34.89 10.59 2.64
CA ARG C 174 34.62 11.27 1.37
C ARG C 174 33.25 10.89 0.84
N THR C 175 32.93 9.60 0.83
CA THR C 175 31.60 9.20 0.40
C THR C 175 30.53 9.85 1.26
N ARG C 176 30.83 9.98 2.56
CA ARG C 176 29.87 10.58 3.48
C ARG C 176 29.70 12.07 3.20
N ILE C 177 30.77 12.76 2.84
CA ILE C 177 30.67 14.16 2.44
C ILE C 177 29.78 14.29 1.23
N MET C 178 29.94 13.41 0.24
CA MET C 178 29.12 13.52 -0.96
C MET C 178 27.65 13.32 -0.64
N CYS C 179 27.33 12.34 0.20
CA CYS C 179 25.92 12.11 0.52
C CYS C 179 25.34 13.27 1.33
N LEU C 180 26.09 13.80 2.29
CA LEU C 180 25.61 14.97 3.01
C LEU C 180 25.46 16.17 2.07
N SER C 181 26.28 16.25 1.04
CA SER C 181 26.14 17.34 0.07
C SER C 181 24.81 17.23 -0.64
N LEU C 182 24.52 16.06 -1.20
CA LEU C 182 23.21 15.84 -1.79
C LEU C 182 22.11 16.27 -0.84
N PHE C 183 22.22 15.89 0.43
CA PHE C 183 21.14 16.14 1.38
C PHE C 183 20.95 17.63 1.61
N TRP C 184 22.03 18.36 1.87
CA TRP C 184 21.93 19.79 2.13
C TRP C 184 21.38 20.54 0.92
N HIS C 185 21.93 20.26 -0.26
CA HIS C 185 21.43 20.94 -1.45
C HIS C 185 19.96 20.68 -1.65
N PHE C 186 19.51 19.44 -1.39
CA PHE C 186 18.10 19.14 -1.56
C PHE C 186 17.24 19.84 -0.53
N LEU C 187 17.75 20.01 0.69
CA LEU C 187 17.01 20.79 1.68
C LEU C 187 16.76 22.20 1.19
N ASP C 188 17.80 22.84 0.64
CA ASP C 188 17.63 24.20 0.13
C ASP C 188 16.67 24.22 -1.05
N VAL C 189 16.73 23.19 -1.89
CA VAL C 189 15.84 23.15 -3.04
C VAL C 189 14.39 23.02 -2.60
N VAL C 190 14.13 22.23 -1.56
CA VAL C 190 12.77 22.14 -1.05
C VAL C 190 12.35 23.45 -0.41
N TRP C 191 13.29 24.18 0.20
CA TRP C 191 12.93 25.46 0.78
C TRP C 191 12.54 26.49 -0.28
N ILE C 192 13.15 26.44 -1.45
CA ILE C 192 12.73 27.36 -2.52
C ILE C 192 11.24 27.22 -2.76
N CYS C 193 10.77 25.98 -2.89
CA CYS C 193 9.35 25.74 -3.12
C CYS C 193 8.51 26.13 -1.90
N VAL C 194 9.01 25.84 -0.69
CA VAL C 194 8.23 26.15 0.50
C VAL C 194 8.04 27.66 0.63
N PHE C 195 9.04 28.45 0.25
CA PHE C 195 8.84 29.90 0.32
C PHE C 195 8.04 30.41 -0.85
N THR C 196 8.06 29.73 -2.00
CA THR C 196 7.29 30.22 -3.14
C THR C 196 5.80 29.91 -3.02
N VAL C 197 5.44 28.77 -2.43
CA VAL C 197 4.08 28.28 -2.47
C VAL C 197 3.34 28.58 -1.17
N VAL C 198 4.02 28.54 -0.04
CA VAL C 198 3.38 28.81 1.24
C VAL C 198 3.44 30.30 1.53
N TYR C 199 4.65 30.81 1.81
CA TYR C 199 4.76 32.16 2.35
C TYR C 199 4.44 33.23 1.30
N LEU C 200 5.10 33.20 0.15
CA LEU C 200 4.89 34.23 -0.86
C LEU C 200 3.48 34.19 -1.42
N MET C 201 3.06 33.03 -1.94
CA MET C 201 1.73 32.89 -2.51
C MET C 201 0.62 33.22 -1.51
N GLY C 202 0.95 33.35 -0.23
CA GLY C 202 -0.03 33.69 0.78
C GLY C 202 0.03 35.16 1.09
N ALA C 203 1.23 35.63 1.44
CA ALA C 203 1.45 37.05 1.67
C ALA C 203 0.85 37.90 0.56
N MET C 204 0.82 37.38 -0.66
CA MET C 204 0.31 38.08 -1.81
C MET C 204 -1.03 38.74 -1.50
N SER D 11 29.79 17.49 -4.62
CA SER D 11 29.41 18.89 -4.82
C SER D 11 30.63 19.68 -5.25
N HIS D 12 31.43 19.09 -6.13
CA HIS D 12 32.73 19.63 -6.50
C HIS D 12 32.69 20.18 -7.92
N GLY D 13 33.07 21.44 -8.05
CA GLY D 13 33.35 22.04 -9.35
C GLY D 13 34.29 23.21 -9.16
N SER D 14 34.44 24.05 -10.18
CA SER D 14 35.18 25.30 -9.99
C SER D 14 34.43 26.20 -9.02
N VAL D 15 35.17 27.06 -8.34
CA VAL D 15 34.56 27.98 -7.38
C VAL D 15 33.84 29.11 -8.12
N LYS D 16 34.33 29.47 -9.31
CA LYS D 16 33.72 30.54 -10.08
C LYS D 16 32.29 30.17 -10.46
N THR D 17 32.08 28.92 -10.85
CA THR D 17 30.72 28.47 -11.14
C THR D 17 29.83 28.58 -9.93
N TYR D 18 30.33 28.18 -8.76
CA TYR D 18 29.52 28.24 -7.55
C TYR D 18 29.16 29.67 -7.20
N MET D 19 30.07 30.62 -7.42
CA MET D 19 29.74 32.01 -7.12
C MET D 19 28.76 32.59 -8.13
N THR D 20 28.87 32.20 -9.40
CA THR D 20 27.85 32.58 -10.37
C THR D 20 26.48 32.08 -9.96
N GLY D 21 26.40 30.84 -9.50
CA GLY D 21 25.12 30.30 -9.06
C GLY D 21 24.60 31.06 -7.86
N PHE D 22 25.50 31.41 -6.94
CA PHE D 22 25.15 32.26 -5.83
C PHE D 22 24.46 33.54 -6.30
N ILE D 23 25.08 34.21 -7.27
CA ILE D 23 24.56 35.50 -7.75
C ILE D 23 23.21 35.30 -8.43
N LEU D 24 23.09 34.29 -9.28
CA LEU D 24 21.85 34.07 -10.00
C LEU D 24 20.71 33.77 -9.04
N SER D 25 20.98 32.97 -8.00
CA SER D 25 19.93 32.63 -7.05
C SER D 25 19.60 33.82 -6.17
N ILE D 26 20.59 34.65 -5.87
CA ILE D 26 20.31 35.86 -5.10
C ILE D 26 19.33 36.75 -5.86
N ILE D 27 19.54 36.88 -7.17
CA ILE D 27 18.57 37.62 -7.97
C ILE D 27 17.21 36.94 -7.94
N LEU D 28 17.20 35.64 -8.23
CA LEU D 28 15.96 34.92 -8.40
C LEU D 28 15.20 34.71 -7.11
N THR D 29 15.79 35.11 -5.99
CA THR D 29 15.04 35.29 -4.76
C THR D 29 14.60 36.73 -4.58
N VAL D 30 15.53 37.68 -4.72
CA VAL D 30 15.24 39.06 -4.35
C VAL D 30 14.09 39.62 -5.19
N ILE D 31 13.95 39.17 -6.43
CA ILE D 31 12.98 39.83 -7.31
C ILE D 31 11.56 39.46 -6.89
N PRO D 32 11.23 38.18 -6.74
CA PRO D 32 9.86 37.83 -6.27
C PRO D 32 9.43 38.52 -5.00
N PHE D 33 10.34 38.73 -4.03
CA PHE D 33 9.92 39.27 -2.75
C PHE D 33 9.54 40.74 -2.87
N TRP D 34 10.40 41.54 -3.52
CA TRP D 34 10.01 42.91 -3.84
C TRP D 34 8.74 42.94 -4.67
N MET D 35 8.61 42.00 -5.61
CA MET D 35 7.44 41.98 -6.47
C MET D 35 6.16 41.80 -5.65
N VAL D 36 6.21 40.95 -4.64
CA VAL D 36 4.99 40.64 -3.90
C VAL D 36 4.75 41.61 -2.74
N MET D 37 5.78 42.11 -2.06
CA MET D 37 5.48 42.90 -0.87
C MET D 37 5.11 44.33 -1.23
N THR D 38 5.81 44.93 -2.19
CA THR D 38 5.45 46.27 -2.63
C THR D 38 4.19 46.29 -3.47
N GLY D 39 3.94 45.26 -4.26
CA GLY D 39 2.77 45.24 -5.12
C GLY D 39 3.00 45.96 -6.44
N ALA D 40 3.87 45.40 -7.28
CA ALA D 40 4.29 46.08 -8.49
C ALA D 40 3.27 45.93 -9.61
N ALA D 41 2.77 44.70 -9.81
CA ALA D 41 1.85 44.42 -10.90
C ALA D 41 0.62 43.72 -10.35
N SER D 42 -0.11 43.05 -11.24
CA SER D 42 -1.36 42.37 -11.00
C SER D 42 -1.13 40.95 -10.50
N PRO D 43 -2.12 40.37 -9.81
CA PRO D 43 -1.89 39.03 -9.25
C PRO D 43 -1.53 37.99 -10.30
N ALA D 44 -1.93 38.20 -11.56
CA ALA D 44 -1.65 37.22 -12.60
C ALA D 44 -0.19 37.28 -13.02
N VAL D 45 0.31 38.48 -13.34
CA VAL D 45 1.73 38.63 -13.62
C VAL D 45 2.56 38.23 -12.40
N ILE D 46 2.08 38.58 -11.20
CA ILE D 46 2.80 38.22 -9.98
C ILE D 46 2.95 36.71 -9.87
N LEU D 47 1.83 35.99 -9.93
CA LEU D 47 1.86 34.54 -9.80
C LEU D 47 2.70 33.91 -10.91
N GLY D 48 2.49 34.33 -12.15
CA GLY D 48 3.29 33.81 -13.23
C GLY D 48 4.77 33.95 -12.97
N THR D 49 5.20 35.17 -12.63
CA THR D 49 6.64 35.41 -12.49
C THR D 49 7.20 34.67 -11.30
N ILE D 50 6.47 34.59 -10.19
CA ILE D 50 7.01 33.91 -9.02
C ILE D 50 7.15 32.42 -9.30
N LEU D 51 6.16 31.81 -9.93
CA LEU D 51 6.27 30.39 -10.26
C LEU D 51 7.43 30.15 -11.21
N ALA D 52 7.49 30.95 -12.28
CA ALA D 52 8.56 30.80 -13.27
C ALA D 52 9.92 30.86 -12.60
N MET D 53 10.12 31.94 -11.87
CA MET D 53 11.38 32.15 -11.24
C MET D 53 11.68 31.07 -10.24
N ALA D 54 10.67 30.52 -9.59
CA ALA D 54 10.96 29.43 -8.69
C ALA D 54 11.50 28.25 -9.45
N VAL D 55 10.84 27.86 -10.53
CA VAL D 55 11.30 26.68 -11.29
C VAL D 55 12.68 26.92 -11.87
N VAL D 56 13.01 28.18 -12.14
CA VAL D 56 14.32 28.49 -12.70
C VAL D 56 15.39 28.37 -11.62
N GLN D 57 15.08 28.81 -10.39
CA GLN D 57 16.04 28.63 -9.31
C GLN D 57 16.24 27.15 -9.01
N VAL D 58 15.17 26.35 -9.06
CA VAL D 58 15.31 24.93 -8.83
C VAL D 58 16.29 24.33 -9.84
N LEU D 59 16.10 24.68 -11.11
CA LEU D 59 17.00 24.17 -12.16
C LEU D 59 18.42 24.63 -11.93
N VAL D 60 18.61 25.88 -11.51
CA VAL D 60 19.96 26.39 -11.33
C VAL D 60 20.64 25.67 -10.17
N HIS D 61 19.90 25.38 -9.12
CA HIS D 61 20.47 24.61 -8.01
C HIS D 61 20.80 23.18 -8.45
N LEU D 62 19.92 22.57 -9.25
CA LEU D 62 20.14 21.20 -9.67
C LEU D 62 21.24 21.08 -10.72
N VAL D 63 21.63 22.19 -11.34
CA VAL D 63 22.75 22.17 -12.27
C VAL D 63 24.04 22.54 -11.55
N CYS D 64 24.17 23.77 -11.07
CA CYS D 64 25.46 24.19 -10.53
C CYS D 64 25.71 23.65 -9.12
N PHE D 65 24.66 23.54 -8.32
CA PHE D 65 24.88 23.19 -6.92
C PHE D 65 24.83 21.68 -6.71
N LEU D 66 24.08 20.97 -7.55
CA LEU D 66 23.95 19.52 -7.45
C LEU D 66 24.73 18.78 -8.53
N HIS D 67 25.26 19.48 -9.52
CA HIS D 67 26.02 18.88 -10.62
C HIS D 67 25.31 17.64 -11.15
N MET D 68 24.09 17.85 -11.64
CA MET D 68 23.27 16.77 -12.15
C MET D 68 23.49 16.66 -13.66
N ASN D 69 24.06 15.54 -14.09
CA ASN D 69 24.39 15.31 -15.49
C ASN D 69 23.54 14.18 -16.05
N THR D 70 23.55 14.08 -17.38
CA THR D 70 22.89 12.98 -18.07
C THR D 70 23.84 11.82 -18.33
N LYS D 71 25.08 11.90 -17.88
CA LYS D 71 26.07 10.85 -18.07
C LYS D 71 26.26 9.99 -16.82
N SER D 72 26.37 10.61 -15.65
CA SER D 72 26.69 9.87 -14.44
C SER D 72 25.71 8.72 -14.23
N ASP D 73 26.20 7.68 -13.55
CA ASP D 73 25.40 6.52 -13.16
C ASP D 73 24.66 5.93 -14.34
N GLU D 74 25.36 5.82 -15.47
CA GLU D 74 24.83 5.21 -16.68
C GLU D 74 23.59 5.92 -17.20
N GLY D 75 23.42 7.19 -16.82
CA GLY D 75 22.24 7.92 -17.23
C GLY D 75 21.01 7.57 -16.42
N TRP D 76 21.19 6.99 -15.24
CA TRP D 76 20.07 6.63 -14.38
C TRP D 76 19.81 7.67 -13.30
N ASN D 77 20.79 8.52 -12.99
CA ASN D 77 20.53 9.64 -12.10
C ASN D 77 19.44 10.55 -12.65
N MET D 78 19.47 10.80 -13.96
CA MET D 78 18.46 11.65 -14.58
C MET D 78 17.13 10.93 -14.72
N THR D 79 17.13 9.73 -15.30
CA THR D 79 15.86 9.03 -15.47
C THR D 79 15.15 8.84 -14.14
N ALA D 80 15.91 8.62 -13.07
CA ALA D 80 15.29 8.61 -11.74
C ALA D 80 14.62 9.94 -11.46
N PHE D 81 15.41 11.03 -11.49
CA PHE D 81 14.87 12.35 -11.22
C PHE D 81 13.60 12.60 -12.01
N VAL D 82 13.71 12.59 -13.35
CA VAL D 82 12.55 12.85 -14.19
C VAL D 82 11.38 12.01 -13.72
N PHE D 83 11.62 10.71 -13.50
CA PHE D 83 10.53 9.84 -13.08
C PHE D 83 9.80 10.44 -11.88
N THR D 84 10.54 10.74 -10.82
CA THR D 84 9.92 11.32 -9.63
C THR D 84 9.04 12.49 -10.02
N VAL D 85 9.59 13.42 -10.81
CA VAL D 85 8.81 14.58 -11.25
C VAL D 85 7.44 14.13 -11.71
N LEU D 86 7.41 13.25 -12.70
CA LEU D 86 6.13 12.83 -13.27
C LEU D 86 5.21 12.34 -12.17
N ILE D 87 5.70 11.43 -11.32
CA ILE D 87 4.87 10.89 -10.24
C ILE D 87 4.31 12.02 -9.40
N ILE D 88 5.17 12.95 -8.98
CA ILE D 88 4.70 14.10 -8.21
C ILE D 88 3.60 14.82 -8.98
N ALA D 89 3.86 15.15 -10.24
CA ALA D 89 2.83 15.76 -11.06
C ALA D 89 1.54 14.96 -11.03
N ILE D 90 1.65 13.63 -11.08
CA ILE D 90 0.47 12.78 -11.12
C ILE D 90 -0.34 12.93 -9.85
N LEU D 91 0.34 13.00 -8.70
CA LEU D 91 -0.39 13.05 -7.45
C LEU D 91 -0.81 14.48 -7.12
N VAL D 92 0.16 15.38 -6.94
CA VAL D 92 -0.14 16.73 -6.50
C VAL D 92 -1.26 17.34 -7.34
N VAL D 93 -1.16 17.23 -8.66
CA VAL D 93 -2.25 17.70 -9.50
C VAL D 93 -3.48 16.84 -9.31
N GLY D 94 -3.34 15.53 -9.54
CA GLY D 94 -4.48 14.64 -9.41
C GLY D 94 -5.25 14.88 -8.13
N SER D 95 -4.59 14.72 -6.99
CA SER D 95 -5.20 15.06 -5.71
C SER D 95 -5.95 16.38 -5.80
N ILE D 96 -5.22 17.47 -6.08
CA ILE D 96 -5.86 18.78 -6.14
C ILE D 96 -7.13 18.73 -6.95
N TRP D 97 -7.08 18.10 -8.12
CA TRP D 97 -8.29 17.97 -8.94
C TRP D 97 -9.38 17.26 -8.16
N ILE D 98 -9.14 16.00 -7.80
CA ILE D 98 -10.17 15.19 -7.17
C ILE D 98 -10.83 15.96 -6.04
N MET D 99 -10.04 16.37 -5.06
CA MET D 99 -10.61 17.04 -3.90
C MET D 99 -11.38 18.28 -4.32
N TRP D 100 -10.78 19.11 -5.17
CA TRP D 100 -11.51 20.28 -5.64
C TRP D 100 -12.91 19.89 -6.07
N ASN D 101 -13.02 18.92 -6.98
CA ASN D 101 -14.34 18.49 -7.43
C ASN D 101 -15.15 17.97 -6.27
N LEU D 102 -14.58 17.06 -5.49
CA LEU D 102 -15.31 16.46 -4.38
C LEU D 102 -15.82 17.53 -3.43
N ASN D 103 -15.28 18.74 -3.47
CA ASN D 103 -15.82 19.78 -2.60
C ASN D 103 -17.07 20.39 -3.21
N TYR D 104 -17.04 20.74 -4.49
CA TYR D 104 -18.18 21.36 -5.13
C TYR D 104 -19.39 20.43 -5.12
N ASN D 105 -19.17 19.12 -5.14
CA ASN D 105 -20.25 18.16 -5.09
C ASN D 105 -20.63 17.78 -3.65
N MET D 106 -20.26 18.60 -2.67
CA MET D 106 -20.63 18.36 -1.28
C MET D 106 -21.32 19.57 -0.67
N MET D 107 -21.76 20.51 -1.51
CA MET D 107 -22.26 21.79 -1.06
C MET D 107 -23.77 21.75 -0.85
N MET D 108 -24.28 22.77 -0.16
CA MET D 108 -25.72 22.91 0.08
C MET D 108 -26.35 23.62 -1.11
N HIS D 109 -26.26 22.97 -2.26
CA HIS D 109 -26.81 23.53 -3.49
C HIS D 109 -28.32 23.63 -3.39
#